data_5A1T
#
_entry.id   5A1T
#
_cell.length_a   80.120
_cell.length_b   82.680
_cell.length_c   114.250
_cell.angle_alpha   90.00
_cell.angle_beta   90.00
_cell.angle_gamma   90.00
#
_symmetry.space_group_name_H-M   'P 2 21 21'
#
loop_
_entity.id
_entity.type
_entity.pdbx_description
1 polymer 'L-LACTATE DEHYDROGENASE'
2 non-polymer '1,4-DIHYDRONICOTINAMIDE ADENINE DINUCLEOTIDE'
3 non-polymer 'OXAMIC ACID'
4 water water
#
_entity_poly.entity_id   1
_entity_poly.type   'polypeptide(L)'
_entity_poly.pdbx_seq_one_letter_code
;MSEAAHVLITGAAGQIGYILSHWIASGELYGDRQVYLHLLDIPPAMNRLTALTMELEDCAFPHLAGFVATTDPKAAFKDI
DCAFLVASMPLKPGQVRADLISSNSVIFKNTGEYLSKWAKPSVKVLVIGNPDNTNCEIAMLHAKNLKPENFSSLSMLDQN
RAYYEVASKLGVDVKDVHDIIVWGNHGESMVADLTQATFTKEGKTQKVVDVLDHDYVFDTFFKKIGHRAWDILEHRGFTS
AASPTKAAIQHMKAWLFGTAPGEVLSMGIPVPEGNPYGIKPGVVFSFPCNVDKEGKIHVVEGFKVNDWLREKLDFTEKDL
FHEKEIALNHLAQLEHHHHHH
;
_entity_poly.pdbx_strand_id   A,B
#
# COMPACT_ATOMS: atom_id res chain seq x y z
N ALA A 4 -9.37 -23.13 9.65
CA ALA A 4 -8.15 -23.84 10.01
C ALA A 4 -7.35 -23.05 11.04
N ALA A 5 -7.45 -21.73 10.98
CA ALA A 5 -6.75 -20.86 11.94
C ALA A 5 -7.57 -20.71 13.22
N HIS A 6 -6.96 -21.04 14.35
CA HIS A 6 -7.63 -20.96 15.63
C HIS A 6 -7.28 -19.67 16.36
N VAL A 7 -8.29 -18.81 16.53
CA VAL A 7 -8.12 -17.50 17.15
C VAL A 7 -8.76 -17.46 18.52
N LEU A 8 -7.98 -17.06 19.53
CA LEU A 8 -8.48 -16.91 20.89
C LEU A 8 -8.88 -15.47 21.17
N ILE A 9 -9.95 -15.31 21.94
CA ILE A 9 -10.38 -14.01 22.43
C ILE A 9 -10.81 -14.14 23.88
N THR A 10 -9.99 -13.62 24.80
CA THR A 10 -10.34 -13.62 26.21
C THR A 10 -11.20 -12.40 26.51
N GLY A 11 -12.11 -12.51 27.47
CA GLY A 11 -13.06 -11.46 27.74
C GLY A 11 -13.98 -11.27 26.56
N ALA A 12 -14.34 -12.38 25.93
CA ALA A 12 -15.12 -12.36 24.70
C ALA A 12 -16.54 -11.83 24.90
N ALA A 13 -17.08 -12.02 26.11
CA ALA A 13 -18.46 -11.66 26.38
C ALA A 13 -18.64 -10.15 26.55
N GLY A 14 -17.53 -9.41 26.66
CA GLY A 14 -17.60 -7.97 26.87
C GLY A 14 -17.97 -7.18 25.63
N GLN A 15 -17.78 -5.86 25.71
CA GLN A 15 -18.15 -4.96 24.63
C GLN A 15 -17.24 -5.11 23.41
N ILE A 16 -15.94 -5.14 23.64
CA ILE A 16 -14.97 -5.30 22.56
C ILE A 16 -15.02 -6.72 22.00
N GLY A 17 -15.07 -7.71 22.88
CA GLY A 17 -15.12 -9.10 22.45
C GLY A 17 -16.32 -9.41 21.58
N TYR A 18 -17.42 -8.71 21.87
CA TYR A 18 -18.65 -8.85 21.09
C TYR A 18 -18.44 -8.50 19.63
N ILE A 19 -17.92 -7.29 19.40
CA ILE A 19 -17.71 -6.80 18.04
C ILE A 19 -16.52 -7.51 17.38
N LEU A 20 -15.46 -7.70 18.15
CA LEU A 20 -14.23 -8.30 17.65
C LEU A 20 -14.48 -9.69 17.07
N SER A 21 -15.24 -10.49 17.79
CA SER A 21 -15.56 -11.85 17.37
CA SER A 21 -15.57 -11.85 17.36
C SER A 21 -16.30 -11.86 16.03
N HIS A 22 -17.32 -11.01 15.92
CA HIS A 22 -18.12 -10.94 14.70
C HIS A 22 -17.32 -10.46 13.50
N TRP A 23 -16.49 -9.43 13.72
N TRP A 23 -16.50 -9.44 13.69
CA TRP A 23 -15.71 -8.83 12.65
CA TRP A 23 -15.73 -8.87 12.59
C TRP A 23 -14.67 -9.81 12.11
C TRP A 23 -14.63 -9.81 12.11
N ILE A 24 -14.06 -10.57 13.03
CA ILE A 24 -13.08 -11.58 12.64
C ILE A 24 -13.78 -12.70 11.87
N ALA A 25 -14.90 -13.17 12.42
CA ALA A 25 -15.70 -14.22 11.80
C ALA A 25 -16.14 -13.82 10.39
N SER A 26 -16.28 -12.52 10.16
CA SER A 26 -16.68 -12.02 8.85
C SER A 26 -15.59 -12.28 7.81
N GLY A 27 -14.38 -12.55 8.28
CA GLY A 27 -13.25 -12.91 7.43
C GLY A 27 -12.27 -11.77 7.22
N GLU A 28 -12.35 -10.75 8.07
CA GLU A 28 -11.53 -9.55 7.90
C GLU A 28 -10.09 -9.75 8.36
N LEU A 29 -9.84 -10.78 9.16
CA LEU A 29 -8.49 -11.04 9.68
C LEU A 29 -7.70 -12.00 8.78
N TYR A 30 -8.27 -13.17 8.52
CA TYR A 30 -7.57 -14.23 7.80
C TYR A 30 -8.01 -14.38 6.34
N GLY A 31 -8.91 -13.50 5.89
CA GLY A 31 -9.35 -13.51 4.50
C GLY A 31 -10.04 -14.80 4.10
N ASP A 32 -9.53 -15.42 3.03
CA ASP A 32 -10.13 -16.65 2.49
C ASP A 32 -10.01 -17.82 3.46
N ARG A 33 -9.02 -17.78 4.33
CA ARG A 33 -8.80 -18.86 5.29
C ARG A 33 -9.86 -18.81 6.40
N GLN A 34 -10.45 -19.95 6.71
CA GLN A 34 -11.45 -20.02 7.76
C GLN A 34 -10.85 -19.74 9.14
N VAL A 35 -11.72 -19.42 10.09
CA VAL A 35 -11.29 -19.15 11.46
C VAL A 35 -12.08 -19.98 12.46
N TYR A 36 -11.39 -20.46 13.49
CA TYR A 36 -12.02 -21.16 14.60
C TYR A 36 -11.82 -20.36 15.87
N LEU A 37 -12.92 -19.84 16.42
CA LEU A 37 -12.85 -18.93 17.55
C LEU A 37 -12.87 -19.65 18.89
N HIS A 38 -11.85 -19.41 19.70
CA HIS A 38 -11.86 -19.79 21.11
C HIS A 38 -12.31 -18.58 21.91
N LEU A 39 -13.46 -18.72 22.57
CA LEU A 39 -14.06 -17.60 23.30
C LEU A 39 -14.03 -17.86 24.79
N LEU A 40 -13.18 -17.11 25.49
CA LEU A 40 -12.99 -17.29 26.93
C LEU A 40 -13.60 -16.14 27.72
N ASP A 41 -14.28 -16.48 28.81
CA ASP A 41 -14.75 -15.50 29.77
C ASP A 41 -14.98 -16.19 31.12
N ILE A 42 -15.63 -15.48 32.04
CA ILE A 42 -15.85 -16.00 33.39
C ILE A 42 -17.33 -16.30 33.64
N PRO A 43 -17.62 -17.27 34.55
CA PRO A 43 -18.99 -17.74 34.79
C PRO A 43 -20.05 -16.66 35.03
N PRO A 44 -19.73 -15.58 35.78
CA PRO A 44 -20.77 -14.56 35.93
C PRO A 44 -21.15 -13.89 34.61
N ALA A 45 -20.35 -14.09 33.56
CA ALA A 45 -20.63 -13.55 32.24
C ALA A 45 -21.01 -14.66 31.26
N MET A 46 -21.35 -15.82 31.79
CA MET A 46 -21.69 -16.99 30.98
C MET A 46 -22.91 -16.70 30.11
N ASN A 47 -23.79 -15.83 30.60
CA ASN A 47 -25.00 -15.45 29.87
C ASN A 47 -24.69 -14.73 28.58
N ARG A 48 -23.92 -13.65 28.67
CA ARG A 48 -23.56 -12.86 27.49
C ARG A 48 -22.64 -13.65 26.57
N LEU A 49 -21.86 -14.55 27.14
CA LEU A 49 -20.99 -15.42 26.37
C LEU A 49 -21.82 -16.31 25.45
N THR A 50 -22.89 -16.89 25.99
CA THR A 50 -23.79 -17.70 25.18
C THR A 50 -24.51 -16.81 24.18
N ALA A 51 -24.92 -15.63 24.62
CA ALA A 51 -25.58 -14.66 23.75
C ALA A 51 -24.69 -14.32 22.56
N LEU A 52 -23.38 -14.26 22.78
CA LEU A 52 -22.44 -13.99 21.72
C LEU A 52 -22.44 -15.11 20.68
N THR A 53 -22.27 -16.34 21.15
CA THR A 53 -22.21 -17.49 20.26
C THR A 53 -23.47 -17.59 19.43
N MET A 54 -24.61 -17.39 20.06
CA MET A 54 -25.90 -17.47 19.37
C MET A 54 -25.96 -16.50 18.20
N GLU A 55 -25.45 -15.28 18.42
CA GLU A 55 -25.45 -14.29 17.35
C GLU A 55 -24.43 -14.63 16.27
N LEU A 56 -23.30 -15.21 16.68
CA LEU A 56 -22.31 -15.67 15.70
C LEU A 56 -22.95 -16.74 14.82
N GLU A 57 -23.66 -17.67 15.45
CA GLU A 57 -24.41 -18.70 14.73
C GLU A 57 -25.42 -18.06 13.78
N ASP A 58 -26.07 -17.00 14.25
CA ASP A 58 -27.15 -16.35 13.51
C ASP A 58 -26.67 -15.48 12.36
N CYS A 59 -25.35 -15.42 12.16
CA CYS A 59 -24.78 -14.70 11.04
C CYS A 59 -24.55 -15.63 9.85
N ALA A 60 -24.44 -16.92 10.13
CA ALA A 60 -24.16 -17.92 9.12
C ALA A 60 -22.87 -17.56 8.37
N PHE A 61 -21.84 -17.20 9.12
CA PHE A 61 -20.55 -16.84 8.56
C PHE A 61 -19.92 -18.02 7.81
N PRO A 62 -19.69 -17.86 6.50
CA PRO A 62 -19.02 -18.96 5.78
C PRO A 62 -17.53 -19.08 6.12
N HIS A 63 -16.96 -18.03 6.70
CA HIS A 63 -15.54 -18.05 7.06
C HIS A 63 -15.32 -18.60 8.47
N LEU A 64 -16.42 -18.80 9.21
CA LEU A 64 -16.34 -19.37 10.55
C LEU A 64 -16.48 -20.89 10.49
N ALA A 65 -15.36 -21.58 10.67
CA ALA A 65 -15.34 -23.04 10.65
C ALA A 65 -16.05 -23.60 11.87
N GLY A 66 -15.90 -22.91 13.00
CA GLY A 66 -16.52 -23.33 14.23
C GLY A 66 -16.09 -22.45 15.38
N PHE A 67 -16.43 -22.86 16.60
CA PHE A 67 -16.05 -22.11 17.78
C PHE A 67 -16.22 -22.92 19.05
N VAL A 68 -15.65 -22.42 20.13
CA VAL A 68 -15.87 -22.99 21.46
C VAL A 68 -15.92 -21.87 22.48
N ALA A 69 -17.03 -21.79 23.21
CA ALA A 69 -17.20 -20.80 24.26
C ALA A 69 -17.08 -21.49 25.61
N THR A 70 -16.11 -21.07 26.41
CA THR A 70 -15.79 -21.78 27.64
C THR A 70 -15.35 -20.86 28.77
N THR A 71 -15.23 -21.46 29.95
CA THR A 71 -14.61 -20.82 31.11
C THR A 71 -13.35 -21.59 31.49
N ASP A 72 -13.16 -22.74 30.83
CA ASP A 72 -11.98 -23.58 31.07
C ASP A 72 -10.78 -23.06 30.28
N PRO A 73 -9.66 -22.76 30.97
CA PRO A 73 -8.47 -22.27 30.27
C PRO A 73 -7.99 -23.17 29.13
N LYS A 74 -7.84 -24.47 29.39
CA LYS A 74 -7.28 -25.38 28.40
C LYS A 74 -8.05 -25.38 27.08
N ALA A 75 -9.38 -25.46 27.18
CA ALA A 75 -10.23 -25.47 25.99
C ALA A 75 -10.05 -24.20 25.18
N ALA A 76 -9.70 -23.11 25.86
CA ALA A 76 -9.58 -21.80 25.22
C ALA A 76 -8.22 -21.62 24.55
N PHE A 77 -7.17 -22.14 25.19
CA PHE A 77 -5.79 -21.85 24.76
C PHE A 77 -5.16 -22.95 23.91
N LYS A 78 -5.81 -24.10 23.82
CA LYS A 78 -5.19 -25.26 23.16
C LYS A 78 -4.92 -25.04 21.67
N ASP A 79 -3.64 -25.11 21.31
CA ASP A 79 -3.20 -25.06 19.92
C ASP A 79 -3.73 -23.86 19.15
N ILE A 80 -3.80 -22.71 19.81
CA ILE A 80 -4.25 -21.49 19.16
C ILE A 80 -3.12 -20.88 18.33
N ASP A 81 -3.49 -20.18 17.25
CA ASP A 81 -2.51 -19.55 16.37
C ASP A 81 -2.23 -18.12 16.77
N CYS A 82 -3.23 -17.45 17.34
CA CYS A 82 -3.07 -16.10 17.85
C CYS A 82 -4.14 -15.82 18.90
N ALA A 83 -3.94 -14.76 19.68
CA ALA A 83 -4.86 -14.43 20.76
C ALA A 83 -5.07 -12.93 20.88
N PHE A 84 -6.32 -12.55 21.14
CA PHE A 84 -6.69 -11.19 21.49
C PHE A 84 -7.06 -11.15 22.96
N LEU A 85 -6.17 -10.62 23.79
CA LEU A 85 -6.42 -10.57 25.23
C LEU A 85 -7.20 -9.32 25.60
N VAL A 86 -8.51 -9.49 25.80
CA VAL A 86 -9.42 -8.38 26.08
C VAL A 86 -9.98 -8.46 27.49
N ALA A 87 -9.70 -9.57 28.17
CA ALA A 87 -10.22 -9.80 29.53
C ALA A 87 -9.87 -8.65 30.46
N SER A 88 -10.84 -8.24 31.29
CA SER A 88 -10.64 -7.14 32.21
C SER A 88 -11.81 -6.99 33.17
N MET A 89 -11.53 -6.46 34.35
CA MET A 89 -12.57 -6.04 35.27
C MET A 89 -13.02 -4.63 34.87
N PRO A 90 -14.17 -4.18 35.38
CA PRO A 90 -14.67 -2.86 35.01
C PRO A 90 -13.74 -1.71 35.41
N LEU A 91 -13.62 -0.72 34.54
CA LEU A 91 -12.93 0.53 34.89
C LEU A 91 -13.92 1.48 35.54
N LYS A 92 -13.69 1.78 36.82
CA LYS A 92 -14.62 2.61 37.57
C LYS A 92 -14.58 4.06 37.10
N PRO A 93 -15.67 4.80 37.33
CA PRO A 93 -15.70 6.22 36.96
C PRO A 93 -14.57 7.02 37.62
N GLY A 94 -13.93 7.89 36.84
CA GLY A 94 -12.88 8.75 37.36
C GLY A 94 -11.51 8.11 37.36
N GLN A 95 -11.44 6.83 37.04
CA GLN A 95 -10.17 6.12 37.03
C GLN A 95 -9.44 6.24 35.70
N VAL A 96 -8.13 5.98 35.73
CA VAL A 96 -7.33 5.88 34.53
C VAL A 96 -6.96 4.42 34.31
N ARG A 97 -6.33 4.12 33.19
CA ARG A 97 -5.99 2.75 32.83
C ARG A 97 -5.15 2.04 33.89
N ALA A 98 -4.25 2.79 34.52
CA ALA A 98 -3.32 2.22 35.50
C ALA A 98 -4.04 1.78 36.78
N ASP A 99 -5.26 2.26 36.99
CA ASP A 99 -6.02 1.91 38.19
C ASP A 99 -6.54 0.47 38.13
N LEU A 100 -6.43 -0.16 36.97
CA LEU A 100 -6.90 -1.53 36.79
C LEU A 100 -5.84 -2.56 37.16
N ILE A 101 -4.66 -2.10 37.53
CA ILE A 101 -3.54 -2.99 37.85
C ILE A 101 -3.89 -4.00 38.94
N SER A 102 -4.55 -3.51 39.98
CA SER A 102 -4.84 -4.34 41.15
C SER A 102 -5.77 -5.50 40.82
N SER A 103 -6.71 -5.28 39.90
CA SER A 103 -7.75 -6.26 39.61
C SER A 103 -7.48 -7.10 38.36
N ASN A 104 -6.56 -6.66 37.51
CA ASN A 104 -6.27 -7.35 36.25
C ASN A 104 -4.92 -8.06 36.21
N SER A 105 -4.04 -7.73 37.14
CA SER A 105 -2.68 -8.29 37.13
C SER A 105 -2.67 -9.81 37.20
N VAL A 106 -3.45 -10.37 38.11
CA VAL A 106 -3.51 -11.83 38.29
C VAL A 106 -4.04 -12.51 37.03
N ILE A 107 -5.02 -11.87 36.39
CA ILE A 107 -5.63 -12.42 35.18
C ILE A 107 -4.56 -12.70 34.13
N PHE A 108 -3.67 -11.74 33.92
CA PHE A 108 -2.66 -11.86 32.87
C PHE A 108 -1.45 -12.64 33.35
N LYS A 109 -1.30 -12.78 34.66
CA LYS A 109 -0.29 -13.67 35.22
C LYS A 109 -0.66 -15.10 34.85
N ASN A 110 -1.92 -15.46 35.09
CA ASN A 110 -2.43 -16.77 34.76
C ASN A 110 -2.45 -17.00 33.25
N THR A 111 -2.82 -15.96 32.51
CA THR A 111 -2.91 -16.04 31.05
C THR A 111 -1.57 -16.41 30.43
N GLY A 112 -0.49 -15.83 30.96
CA GLY A 112 0.84 -16.14 30.49
C GLY A 112 1.16 -17.61 30.67
N GLU A 113 0.70 -18.17 31.78
CA GLU A 113 0.92 -19.58 32.08
C GLU A 113 0.10 -20.47 31.15
N TYR A 114 -1.15 -20.09 30.92
CA TYR A 114 -2.02 -20.82 30.00
C TYR A 114 -1.42 -20.86 28.61
N LEU A 115 -0.99 -19.70 28.11
CA LEU A 115 -0.36 -19.58 26.80
C LEU A 115 0.84 -20.50 26.66
N SER A 116 1.73 -20.44 27.64
CA SER A 116 2.94 -21.26 27.63
C SER A 116 2.61 -22.74 27.66
N LYS A 117 1.51 -23.09 28.32
CA LYS A 117 1.17 -24.48 28.56
C LYS A 117 0.44 -25.14 27.39
N TRP A 118 -0.40 -24.39 26.69
CA TRP A 118 -1.31 -24.98 25.71
C TRP A 118 -1.24 -24.38 24.30
N ALA A 119 -0.93 -23.09 24.20
CA ALA A 119 -0.90 -22.44 22.89
C ALA A 119 0.27 -22.93 22.04
N LYS A 120 0.17 -22.73 20.73
CA LYS A 120 1.26 -23.09 19.83
C LYS A 120 2.49 -22.24 20.15
N PRO A 121 3.70 -22.77 19.87
CA PRO A 121 4.91 -21.96 20.10
C PRO A 121 4.95 -20.71 19.22
N SER A 122 4.20 -20.75 18.12
CA SER A 122 4.17 -19.65 17.16
C SER A 122 3.01 -18.69 17.43
N VAL A 123 2.39 -18.81 18.60
CA VAL A 123 1.23 -18.00 18.91
C VAL A 123 1.59 -16.52 18.93
N LYS A 124 0.72 -15.71 18.35
CA LYS A 124 0.86 -14.26 18.36
C LYS A 124 -0.18 -13.66 19.29
N VAL A 125 0.28 -13.14 20.42
CA VAL A 125 -0.59 -12.63 21.47
C VAL A 125 -0.66 -11.11 21.43
N LEU A 126 -1.85 -10.59 21.15
CA LEU A 126 -2.10 -9.15 21.18
C LEU A 126 -2.89 -8.79 22.43
N VAL A 127 -2.30 -7.94 23.25
CA VAL A 127 -2.92 -7.52 24.51
C VAL A 127 -3.69 -6.23 24.34
N ILE A 128 -4.97 -6.27 24.72
CA ILE A 128 -5.85 -5.12 24.58
C ILE A 128 -6.28 -4.62 25.96
N GLY A 129 -6.64 -5.55 26.85
CA GLY A 129 -7.10 -5.19 28.17
C GLY A 129 -6.13 -4.29 28.93
N ASN A 130 -6.66 -3.21 29.49
CA ASN A 130 -5.82 -2.21 30.16
C ASN A 130 -5.48 -2.59 31.60
N PRO A 131 -4.28 -2.18 32.07
CA PRO A 131 -3.22 -1.49 31.31
C PRO A 131 -2.49 -2.46 30.39
N ASP A 132 -2.63 -2.28 29.07
CA ASP A 132 -2.25 -3.32 28.13
C ASP A 132 -0.74 -3.46 27.97
N ASN A 133 -0.01 -2.36 27.99
CA ASN A 133 1.45 -2.42 27.98
C ASN A 133 1.94 -3.24 29.15
N THR A 134 1.41 -2.95 30.34
CA THR A 134 1.80 -3.66 31.55
C THR A 134 1.28 -5.09 31.53
N ASN A 135 -0.01 -5.26 31.25
CA ASN A 135 -0.61 -6.59 31.17
C ASN A 135 0.14 -7.49 30.20
N CYS A 136 0.69 -6.89 29.16
CA CYS A 136 1.49 -7.64 28.19
C CYS A 136 2.82 -8.04 28.81
N GLU A 137 3.36 -7.17 29.67
CA GLU A 137 4.60 -7.48 30.38
C GLU A 137 4.35 -8.63 31.36
N ILE A 138 3.19 -8.62 32.00
CA ILE A 138 2.85 -9.68 32.97
C ILE A 138 2.76 -11.02 32.26
N ALA A 139 1.98 -11.09 31.19
CA ALA A 139 1.75 -12.34 30.46
C ALA A 139 3.05 -12.89 29.90
N MET A 140 3.84 -12.02 29.28
CA MET A 140 5.09 -12.43 28.65
C MET A 140 6.07 -12.97 29.68
N LEU A 141 6.10 -12.35 30.86
CA LEU A 141 7.01 -12.77 31.93
C LEU A 141 6.66 -14.16 32.44
N HIS A 142 5.36 -14.44 32.57
CA HIS A 142 4.90 -15.71 33.14
C HIS A 142 4.55 -16.74 32.08
N ALA A 143 5.23 -16.65 30.94
CA ALA A 143 5.09 -17.64 29.87
C ALA A 143 6.44 -18.29 29.59
N LYS A 144 6.73 -19.37 30.31
CA LYS A 144 8.03 -20.03 30.26
C LYS A 144 8.47 -20.43 28.85
N ASN A 145 7.56 -21.07 28.12
CA ASN A 145 7.90 -21.69 26.84
C ASN A 145 7.79 -20.74 25.64
N LEU A 146 7.33 -19.52 25.89
CA LEU A 146 7.19 -18.53 24.82
C LEU A 146 8.24 -17.43 24.98
N LYS A 147 8.46 -16.67 23.91
CA LYS A 147 9.48 -15.63 23.88
C LYS A 147 8.82 -14.26 23.80
N PRO A 148 9.60 -13.18 24.01
CA PRO A 148 9.07 -11.82 23.90
C PRO A 148 8.41 -11.54 22.54
N GLU A 149 8.89 -12.18 21.47
CA GLU A 149 8.37 -11.93 20.14
C GLU A 149 6.94 -12.43 19.97
N ASN A 150 6.48 -13.26 20.90
CA ASN A 150 5.11 -13.78 20.86
C ASN A 150 4.08 -12.79 21.38
N PHE A 151 4.55 -11.68 21.96
CA PHE A 151 3.69 -10.74 22.66
C PHE A 151 3.80 -9.30 22.14
N SER A 152 2.66 -8.61 22.11
CA SER A 152 2.61 -7.20 21.78
C SER A 152 1.35 -6.58 22.37
N SER A 153 1.35 -5.26 22.54
CA SER A 153 0.19 -4.55 23.07
C SER A 153 -0.32 -3.51 22.07
N LEU A 154 -1.59 -3.14 22.20
CA LEU A 154 -2.26 -2.31 21.21
C LEU A 154 -2.07 -0.82 21.47
N SER A 155 -1.47 -0.13 20.50
CA SER A 155 -1.30 1.32 20.56
C SER A 155 -1.81 1.98 19.28
N MET A 156 -2.29 1.17 18.35
CA MET A 156 -2.71 1.66 17.05
C MET A 156 -3.98 2.52 17.11
N LEU A 157 -4.74 2.40 18.19
CA LEU A 157 -5.91 3.27 18.37
C LEU A 157 -5.42 4.71 18.56
N ASP A 158 -4.31 4.86 19.28
CA ASP A 158 -3.70 6.18 19.48
C ASP A 158 -3.19 6.73 18.16
N GLN A 159 -2.56 5.88 17.35
CA GLN A 159 -2.02 6.31 16.07
C GLN A 159 -3.15 6.70 15.11
N ASN A 160 -4.22 5.91 15.10
CA ASN A 160 -5.35 6.20 14.23
C ASN A 160 -6.05 7.48 14.64
N ARG A 161 -6.09 7.73 15.94
CA ARG A 161 -6.58 9.00 16.47
C ARG A 161 -5.71 10.15 15.98
N ALA A 162 -4.41 9.98 16.09
CA ALA A 162 -3.45 11.00 15.66
C ALA A 162 -3.56 11.24 14.15
N TYR A 163 -3.66 10.16 13.38
CA TYR A 163 -3.73 10.27 11.93
C TYR A 163 -4.93 11.07 11.47
N TYR A 164 -6.11 10.78 12.03
CA TYR A 164 -7.32 11.48 11.60
C TYR A 164 -7.26 12.95 12.00
N GLU A 165 -6.78 13.21 13.23
CA GLU A 165 -6.70 14.58 13.74
C GLU A 165 -5.80 15.43 12.84
N VAL A 166 -4.59 14.95 12.60
CA VAL A 166 -3.62 15.67 11.77
C VAL A 166 -4.15 15.86 10.35
N ALA A 167 -4.82 14.83 9.84
CA ALA A 167 -5.38 14.87 8.49
C ALA A 167 -6.40 16.00 8.34
N SER A 168 -7.23 16.19 9.35
CA SER A 168 -8.27 17.21 9.30
C SER A 168 -7.68 18.61 9.28
N LYS A 169 -6.56 18.80 9.96
CA LYS A 169 -5.93 20.11 10.08
C LYS A 169 -5.09 20.45 8.84
N LEU A 170 -4.63 19.43 8.12
CA LEU A 170 -3.83 19.63 6.93
C LEU A 170 -4.67 19.71 5.66
N GLY A 171 -5.94 19.32 5.77
CA GLY A 171 -6.84 19.36 4.63
C GLY A 171 -6.54 18.26 3.61
N VAL A 172 -6.11 17.11 4.11
CA VAL A 172 -5.84 15.95 3.27
C VAL A 172 -6.41 14.68 3.89
N ASP A 173 -6.38 13.58 3.13
CA ASP A 173 -6.87 12.30 3.64
C ASP A 173 -5.81 11.62 4.51
N VAL A 174 -6.26 10.68 5.34
CA VAL A 174 -5.37 9.94 6.22
C VAL A 174 -4.26 9.24 5.44
N LYS A 175 -4.61 8.65 4.30
CA LYS A 175 -3.64 7.91 3.51
C LYS A 175 -2.51 8.80 2.99
N ASP A 176 -2.75 10.11 2.99
CA ASP A 176 -1.77 11.08 2.48
C ASP A 176 -0.77 11.53 3.54
N VAL A 177 -0.91 11.02 4.76
CA VAL A 177 0.01 11.36 5.85
C VAL A 177 0.93 10.18 6.14
N HIS A 178 2.14 10.46 6.61
CA HIS A 178 3.13 9.43 6.87
C HIS A 178 3.92 9.65 8.15
N ASP A 179 4.35 8.56 8.76
CA ASP A 179 5.30 8.57 9.87
C ASP A 179 4.83 9.36 11.10
N ILE A 180 3.54 9.30 11.40
CA ILE A 180 3.06 9.73 12.70
C ILE A 180 3.26 8.55 13.66
N ILE A 181 3.74 8.83 14.86
CA ILE A 181 4.08 7.79 15.82
C ILE A 181 3.55 8.12 17.21
N VAL A 182 3.10 7.09 17.93
CA VAL A 182 2.75 7.20 19.34
C VAL A 182 3.70 6.30 20.13
N TRP A 183 4.62 6.91 20.86
CA TRP A 183 5.65 6.18 21.58
C TRP A 183 5.22 5.79 23.00
N GLY A 184 5.80 4.70 23.50
CA GLY A 184 5.71 4.36 24.91
C GLY A 184 4.41 3.72 25.35
N ASN A 185 3.87 4.22 26.45
CA ASN A 185 2.72 3.61 27.09
C ASN A 185 1.40 4.03 26.46
N HIS A 186 0.49 3.07 26.32
CA HIS A 186 -0.89 3.39 26.00
C HIS A 186 -1.54 3.88 27.29
N GLY A 187 -1.13 5.06 27.72
CA GLY A 187 -1.62 5.64 28.96
C GLY A 187 -1.55 7.15 28.93
N GLU A 188 -1.69 7.76 30.10
CA GLU A 188 -1.68 9.22 30.21
C GLU A 188 -0.39 9.81 29.65
N SER A 189 0.70 9.05 29.75
CA SER A 189 2.02 9.53 29.37
C SER A 189 2.35 9.27 27.90
N MET A 190 1.36 8.85 27.12
CA MET A 190 1.60 8.51 25.71
C MET A 190 2.14 9.71 24.95
N VAL A 191 3.07 9.43 24.03
CA VAL A 191 3.77 10.48 23.29
C VAL A 191 3.34 10.52 21.83
N ALA A 192 2.38 11.38 21.52
CA ALA A 192 1.94 11.57 20.14
C ALA A 192 2.95 12.44 19.39
N ASP A 193 3.84 11.79 18.65
CA ASP A 193 4.98 12.44 18.02
C ASP A 193 4.69 12.81 16.56
N LEU A 194 4.92 14.08 16.23
CA LEU A 194 4.73 14.58 14.87
C LEU A 194 6.02 15.16 14.28
N THR A 195 7.12 15.02 15.01
CA THR A 195 8.40 15.57 14.57
C THR A 195 8.94 14.82 13.36
N GLN A 196 8.48 13.59 13.17
CA GLN A 196 8.89 12.78 12.01
C GLN A 196 7.91 12.97 10.85
N ALA A 197 6.67 13.31 11.19
CA ALA A 197 5.55 13.24 10.27
C ALA A 197 5.71 14.10 9.01
N THR A 198 5.20 13.58 7.90
CA THR A 198 5.09 14.34 6.66
C THR A 198 3.73 14.05 6.02
N PHE A 199 3.42 14.81 4.97
CA PHE A 199 2.22 14.56 4.18
C PHE A 199 2.46 15.05 2.76
N THR A 200 1.86 14.36 1.79
CA THR A 200 2.03 14.71 0.38
C THR A 200 0.70 15.16 -0.21
N LYS A 201 0.75 16.21 -1.03
CA LYS A 201 -0.43 16.71 -1.72
C LYS A 201 -0.07 17.13 -3.14
N GLU A 202 -0.62 16.43 -4.11
CA GLU A 202 -0.43 16.77 -5.53
C GLU A 202 1.05 16.79 -5.92
N GLY A 203 1.77 15.76 -5.49
CA GLY A 203 3.17 15.59 -5.89
C GLY A 203 4.16 16.18 -4.90
N LYS A 204 3.69 17.07 -4.04
CA LYS A 204 4.56 17.80 -3.13
C LYS A 204 4.46 17.27 -1.70
N THR A 205 5.61 16.96 -1.11
CA THR A 205 5.68 16.47 0.27
C THR A 205 6.13 17.57 1.22
N GLN A 206 5.49 17.63 2.37
CA GLN A 206 5.79 18.63 3.39
C GLN A 206 5.91 17.98 4.77
N LYS A 207 6.76 18.56 5.61
CA LYS A 207 6.89 18.12 7.00
C LYS A 207 5.81 18.82 7.82
N VAL A 208 5.13 18.05 8.66
CA VAL A 208 4.00 18.55 9.44
C VAL A 208 4.40 19.76 10.28
N VAL A 209 5.57 19.68 10.93
CA VAL A 209 6.03 20.76 11.79
C VAL A 209 6.30 22.06 11.03
N ASP A 210 6.45 21.96 9.71
CA ASP A 210 6.71 23.14 8.88
C ASP A 210 5.41 23.77 8.37
N VAL A 211 4.27 23.17 8.73
CA VAL A 211 2.98 23.61 8.21
C VAL A 211 2.02 24.01 9.34
N LEU A 212 2.08 23.27 10.44
CA LEU A 212 1.23 23.53 11.60
C LEU A 212 2.04 24.22 12.70
N ASP A 213 1.42 25.19 13.38
CA ASP A 213 2.14 26.01 14.35
C ASP A 213 2.59 25.19 15.55
N HIS A 214 3.68 25.64 16.16
CA HIS A 214 4.33 24.93 17.27
C HIS A 214 3.37 24.66 18.42
N ASP A 215 2.60 25.67 18.80
CA ASP A 215 1.70 25.56 19.93
C ASP A 215 0.69 24.44 19.75
N TYR A 216 0.20 24.26 18.52
CA TYR A 216 -0.74 23.19 18.24
C TYR A 216 -0.08 21.82 18.32
N VAL A 217 1.07 21.69 17.65
CA VAL A 217 1.75 20.40 17.54
C VAL A 217 2.15 19.82 18.89
N PHE A 218 2.79 20.63 19.73
CA PHE A 218 3.43 20.12 20.94
C PHE A 218 2.61 20.31 22.21
N ASP A 219 1.48 21.00 22.13
CA ASP A 219 0.62 21.21 23.29
C ASP A 219 -0.81 20.78 23.00
N THR A 220 -1.48 21.52 22.10
CA THR A 220 -2.87 21.24 21.76
C THR A 220 -3.04 19.80 21.27
N PHE A 221 -2.24 19.44 20.28
CA PHE A 221 -2.32 18.10 19.70
C PHE A 221 -1.89 17.04 20.70
N PHE A 222 -0.75 17.28 21.35
CA PHE A 222 -0.18 16.33 22.31
C PHE A 222 -1.19 16.00 23.41
N LYS A 223 -1.87 17.03 23.92
CA LYS A 223 -2.87 16.85 24.96
C LYS A 223 -4.09 16.12 24.44
N LYS A 224 -4.54 16.50 23.25
CA LYS A 224 -5.79 16.00 22.67
C LYS A 224 -5.78 14.48 22.51
N ILE A 225 -4.69 13.94 21.98
CA ILE A 225 -4.59 12.50 21.73
C ILE A 225 -4.58 11.72 23.05
N GLY A 226 -3.89 12.24 24.05
CA GLY A 226 -3.83 11.59 25.34
C GLY A 226 -5.19 11.57 26.03
N HIS A 227 -5.92 12.66 25.91
CA HIS A 227 -7.21 12.82 26.58
C HIS A 227 -8.38 12.18 25.80
N ARG A 228 -8.11 11.79 24.56
CA ARG A 228 -9.16 11.31 23.66
C ARG A 228 -10.03 10.21 24.26
N ALA A 229 -9.38 9.21 24.86
CA ALA A 229 -10.08 8.05 25.42
C ALA A 229 -11.16 8.47 26.42
N TRP A 230 -10.89 9.53 27.16
CA TRP A 230 -11.82 10.01 28.17
C TRP A 230 -12.89 10.92 27.55
N ASP A 231 -12.58 11.46 26.37
CA ASP A 231 -13.55 12.28 25.66
C ASP A 231 -14.63 11.38 25.06
N ILE A 232 -14.22 10.21 24.57
CA ILE A 232 -15.18 9.21 24.11
C ILE A 232 -16.03 8.74 25.28
N LEU A 233 -15.39 8.52 26.43
CA LEU A 233 -16.09 8.07 27.63
C LEU A 233 -17.16 9.06 28.05
N GLU A 234 -16.84 10.35 27.96
CA GLU A 234 -17.79 11.40 28.31
C GLU A 234 -19.06 11.32 27.48
N HIS A 235 -18.89 11.11 26.17
CA HIS A 235 -20.02 11.14 25.24
C HIS A 235 -20.71 9.77 25.11
N ARG A 236 -19.94 8.70 25.23
CA ARG A 236 -20.46 7.34 25.03
C ARG A 236 -21.10 6.78 26.30
N GLY A 237 -20.51 7.11 27.45
CA GLY A 237 -20.94 6.54 28.72
C GLY A 237 -20.12 5.29 29.04
N PHE A 238 -19.30 4.88 28.07
CA PHE A 238 -18.35 3.78 28.26
C PHE A 238 -17.12 4.11 27.42
N THR A 239 -16.00 3.45 27.71
CA THR A 239 -14.80 3.65 26.91
C THR A 239 -15.02 3.09 25.50
N SER A 240 -14.08 3.36 24.59
CA SER A 240 -14.20 2.95 23.20
C SER A 240 -14.32 1.43 23.05
N ALA A 241 -14.83 1.00 21.90
CA ALA A 241 -15.05 -0.42 21.65
C ALA A 241 -14.89 -0.77 20.17
N ALA A 242 -15.63 -0.08 19.31
CA ALA A 242 -15.56 -0.34 17.87
C ALA A 242 -14.22 0.10 17.30
N SER A 243 -13.70 1.23 17.77
CA SER A 243 -12.46 1.76 17.24
C SER A 243 -11.23 0.93 17.63
N PRO A 244 -11.15 0.51 18.90
CA PRO A 244 -10.01 -0.38 19.21
C PRO A 244 -10.11 -1.75 18.56
N THR A 245 -11.33 -2.23 18.35
CA THR A 245 -11.54 -3.50 17.66
C THR A 245 -10.91 -3.41 16.27
N LYS A 246 -11.14 -2.29 15.61
CA LYS A 246 -10.58 -2.05 14.28
C LYS A 246 -9.06 -1.99 14.33
N ALA A 247 -8.54 -1.27 15.33
CA ALA A 247 -7.10 -1.14 15.52
C ALA A 247 -6.46 -2.49 15.82
N ALA A 248 -7.17 -3.31 16.60
CA ALA A 248 -6.64 -4.62 17.01
C ALA A 248 -6.60 -5.60 15.84
N ILE A 249 -7.61 -5.54 14.98
CA ILE A 249 -7.64 -6.39 13.79
C ILE A 249 -6.60 -5.91 12.80
N GLN A 250 -6.47 -4.58 12.70
CA GLN A 250 -5.45 -3.98 11.84
C GLN A 250 -4.06 -4.38 12.33
N HIS A 251 -3.85 -4.26 13.63
CA HIS A 251 -2.60 -4.62 14.28
C HIS A 251 -2.24 -6.09 14.00
N MET A 252 -3.17 -6.98 14.29
CA MET A 252 -2.93 -8.42 14.15
C MET A 252 -2.67 -8.80 12.70
N LYS A 253 -3.47 -8.26 11.79
CA LYS A 253 -3.34 -8.57 10.37
C LYS A 253 -1.94 -8.19 9.86
N ALA A 254 -1.46 -7.03 10.29
CA ALA A 254 -0.12 -6.58 9.92
C ALA A 254 0.92 -7.50 10.54
N TRP A 255 0.65 -7.95 11.76
CA TRP A 255 1.57 -8.83 12.48
C TRP A 255 1.64 -10.19 11.82
N LEU A 256 0.52 -10.61 11.23
CA LEU A 256 0.43 -11.94 10.62
C LEU A 256 1.02 -11.99 9.21
N PHE A 257 0.75 -10.96 8.41
CA PHE A 257 1.07 -11.02 6.97
C PHE A 257 1.98 -9.89 6.49
N GLY A 258 2.48 -9.06 7.40
CA GLY A 258 3.43 -8.02 7.06
C GLY A 258 2.77 -6.70 6.69
N THR A 259 3.55 -5.63 6.75
CA THR A 259 3.05 -4.29 6.46
C THR A 259 3.31 -3.88 5.01
N ALA A 260 2.75 -2.75 4.60
CA ALA A 260 2.87 -2.25 3.24
C ALA A 260 4.08 -1.33 3.11
N PRO A 261 4.48 -1.01 1.87
CA PRO A 261 5.64 -0.13 1.67
C PRO A 261 5.46 1.23 2.34
N GLY A 262 6.42 1.61 3.17
CA GLY A 262 6.39 2.89 3.85
C GLY A 262 5.46 2.94 5.05
N GLU A 263 4.75 1.84 5.30
CA GLU A 263 3.80 1.79 6.40
C GLU A 263 4.53 1.65 7.74
N VAL A 264 4.18 2.53 8.68
CA VAL A 264 4.73 2.49 10.03
C VAL A 264 3.59 2.42 11.04
N LEU A 265 3.62 1.40 11.89
CA LEU A 265 2.58 1.18 12.87
C LEU A 265 3.13 1.26 14.29
N SER A 266 2.43 2.01 15.14
CA SER A 266 2.79 2.08 16.55
C SER A 266 2.39 0.78 17.24
N MET A 267 3.38 -0.02 17.62
CA MET A 267 3.14 -1.32 18.22
C MET A 267 3.91 -1.47 19.53
N GLY A 268 3.17 -1.71 20.60
CA GLY A 268 3.78 -1.99 21.89
C GLY A 268 4.42 -3.36 21.89
N ILE A 269 5.74 -3.39 22.02
CA ILE A 269 6.48 -4.65 22.02
C ILE A 269 7.47 -4.67 23.18
N PRO A 270 7.84 -5.87 23.65
CA PRO A 270 8.92 -5.95 24.64
C PRO A 270 10.16 -5.24 24.12
N VAL A 271 10.67 -4.26 24.87
CA VAL A 271 11.78 -3.44 24.42
C VAL A 271 12.95 -4.30 23.96
N PRO A 272 13.24 -4.28 22.65
CA PRO A 272 14.35 -5.10 22.17
C PRO A 272 15.71 -4.54 22.56
N GLU A 273 16.58 -5.41 23.07
CA GLU A 273 17.97 -5.04 23.35
C GLU A 273 18.64 -4.54 22.08
N GLY A 274 19.23 -3.35 22.15
CA GLY A 274 19.92 -2.78 21.01
C GLY A 274 19.02 -1.95 20.11
N ASN A 275 17.88 -1.52 20.64
CA ASN A 275 17.02 -0.62 19.89
C ASN A 275 17.71 0.73 19.73
N PRO A 276 17.50 1.42 18.60
CA PRO A 276 18.29 2.61 18.29
C PRO A 276 17.82 3.89 19.00
N TYR A 277 16.78 3.79 19.83
CA TYR A 277 16.18 4.98 20.43
C TYR A 277 16.41 5.07 21.94
N GLY A 278 17.41 4.34 22.42
CA GLY A 278 17.89 4.49 23.79
C GLY A 278 16.94 4.04 24.88
N ILE A 279 15.90 3.31 24.52
CA ILE A 279 14.96 2.79 25.51
C ILE A 279 15.55 1.54 26.17
N LYS A 280 15.38 1.45 27.48
CA LYS A 280 15.96 0.36 28.27
C LYS A 280 15.02 -0.85 28.32
N PRO A 281 15.58 -2.07 28.27
CA PRO A 281 14.74 -3.27 28.31
C PRO A 281 14.08 -3.50 29.67
N GLY A 282 12.99 -4.25 29.68
CA GLY A 282 12.28 -4.59 30.91
C GLY A 282 10.79 -4.28 30.86
N VAL A 283 10.37 -3.55 29.85
CA VAL A 283 8.96 -3.20 29.69
C VAL A 283 8.48 -3.45 28.26
N VAL A 284 7.17 -3.28 28.06
CA VAL A 284 6.57 -3.29 26.73
C VAL A 284 6.37 -1.84 26.30
N PHE A 285 6.99 -1.47 25.19
CA PHE A 285 7.09 -0.07 24.78
C PHE A 285 6.61 0.10 23.33
N SER A 286 5.77 1.10 23.10
CA SER A 286 5.25 1.37 21.76
C SER A 286 6.33 2.00 20.89
N PHE A 287 6.72 1.30 19.84
CA PHE A 287 7.71 1.78 18.89
C PHE A 287 7.10 1.99 17.52
N PRO A 288 7.75 2.81 16.67
CA PRO A 288 7.41 2.75 15.25
C PRO A 288 7.89 1.43 14.65
N CYS A 289 6.96 0.65 14.12
CA CYS A 289 7.28 -0.71 13.66
C CYS A 289 6.79 -1.00 12.25
N ASN A 290 7.47 -1.95 11.60
CA ASN A 290 6.94 -2.60 10.42
C ASN A 290 6.98 -4.10 10.65
N VAL A 291 6.45 -4.86 9.70
CA VAL A 291 6.46 -6.32 9.81
C VAL A 291 6.78 -6.92 8.44
N ASP A 292 7.77 -7.80 8.41
CA ASP A 292 8.16 -8.45 7.15
C ASP A 292 7.13 -9.50 6.75
N LYS A 293 7.32 -10.11 5.59
CA LYS A 293 6.33 -11.02 5.04
C LYS A 293 6.29 -12.37 5.75
N GLU A 294 7.21 -12.57 6.70
CA GLU A 294 7.22 -13.79 7.51
C GLU A 294 6.74 -13.50 8.93
N GLY A 295 6.22 -12.30 9.13
CA GLY A 295 5.46 -11.97 10.33
C GLY A 295 6.27 -11.49 11.52
N LYS A 296 7.52 -11.10 11.29
CA LYS A 296 8.37 -10.61 12.37
C LYS A 296 8.36 -9.10 12.45
N ILE A 297 8.04 -8.58 13.64
CA ILE A 297 8.05 -7.15 13.88
C ILE A 297 9.47 -6.63 13.92
N HIS A 298 9.69 -5.44 13.38
CA HIS A 298 10.98 -4.76 13.47
C HIS A 298 10.76 -3.28 13.77
N VAL A 299 11.51 -2.76 14.73
CA VAL A 299 11.49 -1.34 15.03
C VAL A 299 12.09 -0.59 13.84
N VAL A 300 11.35 0.41 13.34
CA VAL A 300 11.82 1.20 12.21
C VAL A 300 12.94 2.14 12.66
N GLU A 301 14.09 2.00 12.01
CA GLU A 301 15.25 2.84 12.32
C GLU A 301 15.23 4.10 11.48
N GLY A 302 16.00 5.10 11.91
CA GLY A 302 16.21 6.30 11.12
C GLY A 302 15.55 7.55 11.66
N PHE A 303 14.55 7.38 12.53
CA PHE A 303 13.83 8.54 13.07
C PHE A 303 14.70 9.36 14.02
N LYS A 304 14.50 10.67 14.01
CA LYS A 304 15.29 11.58 14.82
C LYS A 304 14.64 11.80 16.20
N VAL A 305 15.49 11.94 17.21
CA VAL A 305 15.03 12.23 18.57
C VAL A 305 15.63 13.53 19.08
N ASN A 306 14.88 14.62 18.96
CA ASN A 306 15.32 15.91 19.48
C ASN A 306 15.10 15.97 20.98
N ASP A 307 15.46 17.10 21.59
CA ASP A 307 15.39 17.23 23.04
C ASP A 307 13.97 17.07 23.57
N TRP A 308 12.98 17.57 22.82
CA TRP A 308 11.59 17.46 23.23
C TRP A 308 11.13 16.00 23.31
N LEU A 309 11.45 15.24 22.26
CA LEU A 309 11.00 13.85 22.21
C LEU A 309 11.72 13.01 23.25
N ARG A 310 13.01 13.25 23.39
CA ARG A 310 13.83 12.55 24.39
C ARG A 310 13.20 12.64 25.78
N GLU A 311 12.78 13.85 26.16
CA GLU A 311 12.18 14.07 27.46
C GLU A 311 10.85 13.34 27.58
N LYS A 312 10.05 13.39 26.52
CA LYS A 312 8.76 12.69 26.51
C LYS A 312 8.95 11.19 26.61
N LEU A 313 9.94 10.68 25.89
CA LEU A 313 10.24 9.25 25.91
C LEU A 313 10.70 8.81 27.30
N ASP A 314 11.54 9.62 27.93
CA ASP A 314 12.01 9.34 29.28
C ASP A 314 10.84 9.29 30.26
N PHE A 315 9.88 10.19 30.08
CA PHE A 315 8.75 10.29 31.00
C PHE A 315 7.85 9.06 30.91
N THR A 316 7.52 8.66 29.68
CA THR A 316 6.64 7.51 29.48
C THR A 316 7.38 6.21 29.79
N GLU A 317 8.69 6.20 29.56
CA GLU A 317 9.51 5.05 29.91
C GLU A 317 9.53 4.86 31.42
N LYS A 318 9.79 5.95 32.14
CA LYS A 318 9.75 5.96 33.60
C LYS A 318 8.37 5.51 34.07
N ASP A 319 7.33 5.97 33.39
CA ASP A 319 5.96 5.62 33.72
C ASP A 319 5.72 4.11 33.58
N LEU A 320 6.28 3.52 32.52
CA LEU A 320 6.12 2.10 32.26
C LEU A 320 6.81 1.25 33.32
N PHE A 321 8.03 1.64 33.68
CA PHE A 321 8.79 0.93 34.70
C PHE A 321 8.13 1.07 36.07
N HIS A 322 7.42 2.18 36.27
CA HIS A 322 6.69 2.41 37.51
C HIS A 322 5.48 1.49 37.59
N GLU A 323 4.72 1.41 36.51
CA GLU A 323 3.56 0.53 36.45
C GLU A 323 3.98 -0.92 36.68
N LYS A 324 5.14 -1.28 36.14
CA LYS A 324 5.67 -2.62 36.31
C LYS A 324 5.97 -2.91 37.78
N GLU A 325 6.59 -1.95 38.45
CA GLU A 325 6.89 -2.08 39.87
C GLU A 325 5.62 -2.34 40.67
N ILE A 326 4.61 -1.49 40.48
CA ILE A 326 3.35 -1.61 41.19
C ILE A 326 2.65 -2.92 40.88
N ALA A 327 2.60 -3.27 39.60
CA ALA A 327 1.87 -4.47 39.16
C ALA A 327 2.51 -5.75 39.70
N LEU A 328 3.80 -5.92 39.46
CA LEU A 328 4.49 -7.14 39.86
C LEU A 328 4.56 -7.28 41.38
N ASN A 329 4.66 -6.16 42.09
CA ASN A 329 4.65 -6.19 43.55
C ASN A 329 3.29 -6.63 44.08
N HIS A 330 2.23 -6.23 43.38
CA HIS A 330 0.88 -6.63 43.76
C HIS A 330 0.73 -8.14 43.62
N LEU A 331 1.29 -8.69 42.55
CA LEU A 331 1.24 -10.13 42.31
C LEU A 331 2.00 -10.90 43.38
N ALA A 332 3.17 -10.40 43.75
CA ALA A 332 4.01 -11.06 44.74
C ALA A 332 3.29 -11.18 46.08
N GLN A 333 2.65 -10.09 46.50
CA GLN A 333 1.88 -10.09 47.73
C GLN A 333 0.58 -10.86 47.57
N LEU A 334 0.08 -10.92 46.34
CA LEU A 334 -1.12 -11.67 46.03
C LEU A 334 -0.86 -13.17 46.10
N ALA B 4 -20.42 -1.77 -18.18
CA ALA B 4 -20.73 -0.35 -18.10
C ALA B 4 -19.53 0.50 -18.51
N ALA B 5 -18.33 0.04 -18.17
CA ALA B 5 -17.10 0.74 -18.54
C ALA B 5 -16.63 0.29 -19.91
N HIS B 6 -16.62 1.22 -20.87
CA HIS B 6 -16.24 0.91 -22.24
C HIS B 6 -14.76 1.18 -22.49
N VAL B 7 -14.02 0.11 -22.79
CA VAL B 7 -12.57 0.17 -22.95
C VAL B 7 -12.17 -0.16 -24.38
N LEU B 8 -11.43 0.75 -25.00
CA LEU B 8 -10.95 0.56 -26.37
C LEU B 8 -9.54 -0.02 -26.40
N ILE B 9 -9.31 -0.90 -27.37
CA ILE B 9 -7.97 -1.42 -27.65
C ILE B 9 -7.74 -1.41 -29.15
N THR B 10 -6.96 -0.44 -29.63
CA THR B 10 -6.59 -0.40 -31.04
C THR B 10 -5.43 -1.35 -31.28
N GLY B 11 -5.39 -1.96 -32.46
CA GLY B 11 -4.40 -2.99 -32.74
C GLY B 11 -4.66 -4.22 -31.89
N ALA B 12 -5.93 -4.51 -31.66
CA ALA B 12 -6.34 -5.58 -30.76
C ALA B 12 -5.87 -6.96 -31.23
N ALA B 13 -5.73 -7.14 -32.53
CA ALA B 13 -5.44 -8.47 -33.10
C ALA B 13 -3.96 -8.85 -32.99
N GLY B 14 -3.13 -7.96 -32.47
CA GLY B 14 -1.71 -8.23 -32.34
C GLY B 14 -1.36 -9.00 -31.08
N GLN B 15 -0.07 -9.13 -30.80
CA GLN B 15 0.40 -9.92 -29.67
C GLN B 15 -0.04 -9.32 -28.33
N ILE B 16 0.20 -8.03 -28.16
CA ILE B 16 -0.16 -7.35 -26.92
C ILE B 16 -1.69 -7.30 -26.75
N GLY B 17 -2.38 -6.91 -27.81
CA GLY B 17 -3.82 -6.79 -27.77
C GLY B 17 -4.50 -8.09 -27.42
N TYR B 18 -3.92 -9.19 -27.88
CA TYR B 18 -4.44 -10.53 -27.61
C TYR B 18 -4.48 -10.82 -26.11
N ILE B 19 -3.37 -10.56 -25.43
CA ILE B 19 -3.27 -10.79 -24.00
C ILE B 19 -3.97 -9.69 -23.22
N LEU B 20 -3.83 -8.45 -23.70
CA LEU B 20 -4.39 -7.29 -23.03
C LEU B 20 -5.91 -7.37 -22.90
N SER B 21 -6.58 -7.81 -23.96
CA SER B 21 -8.03 -7.92 -23.95
CA SER B 21 -8.03 -7.93 -23.96
C SER B 21 -8.50 -8.96 -22.93
N HIS B 22 -7.81 -10.09 -22.89
CA HIS B 22 -8.17 -11.17 -21.96
C HIS B 22 -8.00 -10.75 -20.50
N TRP B 23 -6.85 -10.17 -20.19
N TRP B 23 -6.85 -10.18 -20.18
CA TRP B 23 -6.50 -9.80 -18.83
CA TRP B 23 -6.54 -9.83 -18.79
C TRP B 23 -7.45 -8.72 -18.30
C TRP B 23 -7.43 -8.69 -18.29
N ILE B 24 -7.85 -7.80 -19.18
CA ILE B 24 -8.79 -6.76 -18.81
C ILE B 24 -10.17 -7.38 -18.61
N ALA B 25 -10.52 -8.33 -19.47
CA ALA B 25 -11.82 -8.99 -19.40
C ALA B 25 -11.91 -9.92 -18.19
N SER B 26 -10.76 -10.38 -17.71
CA SER B 26 -10.73 -11.25 -16.53
C SER B 26 -11.09 -10.45 -15.27
N GLY B 27 -11.08 -9.12 -15.40
CA GLY B 27 -11.54 -8.23 -14.35
C GLY B 27 -10.42 -7.56 -13.58
N GLU B 28 -9.20 -7.59 -14.12
CA GLU B 28 -8.04 -7.04 -13.42
C GLU B 28 -8.05 -5.51 -13.40
N LEU B 29 -8.68 -4.89 -14.41
CA LEU B 29 -8.63 -3.45 -14.55
C LEU B 29 -9.70 -2.74 -13.71
N TYR B 30 -10.98 -3.03 -14.00
CA TYR B 30 -12.09 -2.33 -13.36
C TYR B 30 -12.70 -3.11 -12.19
N GLY B 31 -12.08 -4.21 -11.81
CA GLY B 31 -12.55 -4.99 -10.67
C GLY B 31 -13.93 -5.60 -10.89
N ASP B 32 -14.86 -5.27 -9.99
CA ASP B 32 -16.21 -5.84 -10.05
C ASP B 32 -17.07 -5.17 -11.12
N ARG B 33 -16.64 -4.02 -11.60
CA ARG B 33 -17.37 -3.32 -12.66
C ARG B 33 -17.15 -4.03 -13.99
N GLN B 34 -18.24 -4.38 -14.66
CA GLN B 34 -18.15 -5.05 -15.95
C GLN B 34 -17.50 -4.14 -16.98
N VAL B 35 -16.88 -4.76 -17.99
CA VAL B 35 -16.23 -4.02 -19.07
C VAL B 35 -16.82 -4.38 -20.42
N TYR B 36 -16.93 -3.38 -21.29
CA TYR B 36 -17.35 -3.57 -22.67
C TYR B 36 -16.19 -3.21 -23.59
N LEU B 37 -15.66 -4.19 -24.30
CA LEU B 37 -14.43 -3.99 -25.08
C LEU B 37 -14.70 -3.54 -26.50
N HIS B 38 -14.10 -2.40 -26.87
CA HIS B 38 -14.03 -1.99 -28.26
C HIS B 38 -12.69 -2.46 -28.82
N LEU B 39 -12.74 -3.29 -29.85
CA LEU B 39 -11.54 -3.89 -30.43
C LEU B 39 -11.35 -3.42 -31.87
N LEU B 40 -10.36 -2.55 -32.07
CA LEU B 40 -10.10 -1.98 -33.38
C LEU B 40 -8.81 -2.51 -34.00
N ASP B 41 -8.90 -2.94 -35.25
CA ASP B 41 -7.73 -3.34 -36.03
C ASP B 41 -8.03 -3.11 -37.51
N ILE B 42 -7.09 -3.50 -38.37
CA ILE B 42 -7.24 -3.28 -39.80
C ILE B 42 -7.67 -4.58 -40.52
N PRO B 43 -8.31 -4.45 -41.69
CA PRO B 43 -8.87 -5.60 -42.42
C PRO B 43 -7.91 -6.78 -42.63
N PRO B 44 -6.62 -6.50 -42.93
CA PRO B 44 -5.68 -7.61 -43.13
C PRO B 44 -5.59 -8.55 -41.94
N ALA B 45 -5.77 -8.01 -40.74
CA ALA B 45 -5.70 -8.79 -39.51
C ALA B 45 -7.09 -9.05 -38.94
N MET B 46 -8.12 -8.94 -39.77
N MET B 46 -8.11 -8.92 -39.77
CA MET B 46 -9.49 -9.17 -39.32
CA MET B 46 -9.48 -9.18 -39.37
C MET B 46 -9.71 -10.64 -39.00
C MET B 46 -9.65 -10.63 -38.95
N ASN B 47 -8.86 -11.50 -39.55
CA ASN B 47 -8.90 -12.93 -39.24
C ASN B 47 -8.44 -13.17 -37.80
N ARG B 48 -7.31 -12.59 -37.43
CA ARG B 48 -6.79 -12.72 -36.08
C ARG B 48 -7.68 -11.99 -35.08
N LEU B 49 -8.39 -10.96 -35.56
CA LEU B 49 -9.30 -10.21 -34.70
C LEU B 49 -10.52 -11.06 -34.36
N THR B 50 -11.00 -11.82 -35.33
CA THR B 50 -12.11 -12.74 -35.10
C THR B 50 -11.69 -13.83 -34.12
N ALA B 51 -10.49 -14.37 -34.34
CA ALA B 51 -9.93 -15.39 -33.46
C ALA B 51 -9.89 -14.88 -32.02
N LEU B 52 -9.55 -13.61 -31.86
CA LEU B 52 -9.47 -13.03 -30.54
C LEU B 52 -10.84 -13.00 -29.87
N THR B 53 -11.83 -12.50 -30.59
CA THR B 53 -13.20 -12.46 -30.09
C THR B 53 -13.67 -13.86 -29.72
N MET B 54 -13.35 -14.83 -30.57
CA MET B 54 -13.78 -16.20 -30.33
C MET B 54 -13.22 -16.75 -29.03
N GLU B 55 -11.95 -16.47 -28.76
CA GLU B 55 -11.35 -16.95 -27.51
C GLU B 55 -11.85 -16.15 -26.32
N LEU B 56 -12.12 -14.86 -26.53
CA LEU B 56 -12.75 -14.05 -25.49
C LEU B 56 -14.09 -14.65 -25.09
N GLU B 57 -14.85 -15.07 -26.10
CA GLU B 57 -16.12 -15.75 -25.87
C GLU B 57 -15.91 -17.06 -25.11
N ASP B 58 -14.87 -17.78 -25.48
CA ASP B 58 -14.62 -19.12 -24.94
C ASP B 58 -14.11 -19.08 -23.50
N CYS B 59 -13.92 -17.88 -22.95
CA CYS B 59 -13.51 -17.72 -21.57
C CYS B 59 -14.71 -17.63 -20.63
N ALA B 60 -15.85 -17.24 -21.18
CA ALA B 60 -17.06 -17.04 -20.39
C ALA B 60 -16.79 -16.07 -19.25
N PHE B 61 -16.17 -14.95 -19.59
CA PHE B 61 -15.83 -13.92 -18.61
C PHE B 61 -17.07 -13.34 -17.95
N PRO B 62 -17.24 -13.54 -16.63
CA PRO B 62 -18.38 -12.91 -15.96
C PRO B 62 -18.28 -11.38 -15.94
N HIS B 63 -17.06 -10.86 -16.00
CA HIS B 63 -16.82 -9.42 -15.98
C HIS B 63 -16.96 -8.79 -17.37
N LEU B 64 -17.16 -9.63 -18.38
CA LEU B 64 -17.30 -9.14 -19.75
C LEU B 64 -18.77 -8.99 -20.13
N ALA B 65 -19.23 -7.75 -20.18
CA ALA B 65 -20.62 -7.45 -20.53
C ALA B 65 -20.86 -7.67 -22.02
N GLY B 66 -19.84 -7.39 -22.82
CA GLY B 66 -19.94 -7.54 -24.26
C GLY B 66 -18.71 -7.00 -24.96
N PHE B 67 -18.75 -6.94 -26.29
CA PHE B 67 -17.64 -6.43 -27.06
C PHE B 67 -18.04 -6.09 -28.49
N VAL B 68 -17.20 -5.31 -29.16
CA VAL B 68 -17.37 -5.04 -30.59
C VAL B 68 -16.01 -5.11 -31.28
N ALA B 69 -15.92 -5.95 -32.30
CA ALA B 69 -14.71 -6.08 -33.10
C ALA B 69 -14.95 -5.44 -34.47
N THR B 70 -14.15 -4.43 -34.79
CA THR B 70 -14.42 -3.61 -35.96
C THR B 70 -13.16 -3.06 -36.63
N THR B 71 -13.34 -2.52 -37.83
CA THR B 71 -12.32 -1.76 -38.53
C THR B 71 -12.77 -0.31 -38.64
N ASP B 72 -14.05 -0.08 -38.40
CA ASP B 72 -14.62 1.27 -38.43
C ASP B 72 -14.19 2.05 -37.18
N PRO B 73 -13.62 3.25 -37.37
CA PRO B 73 -13.22 4.05 -36.20
C PRO B 73 -14.39 4.40 -35.28
N LYS B 74 -15.51 4.85 -35.85
CA LYS B 74 -16.64 5.31 -35.06
C LYS B 74 -17.08 4.28 -34.03
N ALA B 75 -17.32 3.06 -34.47
CA ALA B 75 -17.80 2.00 -33.60
C ALA B 75 -16.81 1.66 -32.50
N ALA B 76 -15.54 2.03 -32.71
CA ALA B 76 -14.48 1.71 -31.76
C ALA B 76 -14.30 2.81 -30.71
N PHE B 77 -14.48 4.06 -31.12
CA PHE B 77 -14.21 5.20 -30.26
C PHE B 77 -15.47 5.81 -29.62
N LYS B 78 -16.64 5.26 -29.94
CA LYS B 78 -17.90 5.85 -29.49
C LYS B 78 -18.12 5.69 -27.98
N ASP B 79 -18.04 6.81 -27.27
CA ASP B 79 -18.36 6.87 -25.85
C ASP B 79 -17.52 5.91 -25.00
N ILE B 80 -16.22 5.85 -25.29
CA ILE B 80 -15.31 5.01 -24.52
C ILE B 80 -14.82 5.75 -23.29
N ASP B 81 -14.52 5.00 -22.23
CA ASP B 81 -14.05 5.58 -20.97
C ASP B 81 -12.53 5.68 -20.93
N CYS B 82 -11.86 4.74 -21.60
CA CYS B 82 -10.41 4.76 -21.69
C CYS B 82 -9.99 4.00 -22.95
N ALA B 83 -8.71 4.13 -23.30
CA ALA B 83 -8.20 3.49 -24.51
C ALA B 83 -6.76 3.03 -24.33
N PHE B 84 -6.48 1.84 -24.88
CA PHE B 84 -5.12 1.32 -24.98
C PHE B 84 -4.70 1.33 -26.44
N LEU B 85 -3.83 2.26 -26.81
CA LEU B 85 -3.42 2.41 -28.20
C LEU B 85 -2.22 1.53 -28.53
N VAL B 86 -2.51 0.34 -29.06
CA VAL B 86 -1.48 -0.66 -29.35
C VAL B 86 -1.25 -0.77 -30.86
N ALA B 87 -2.00 0.01 -31.62
CA ALA B 87 -1.91 -0.02 -33.08
C ALA B 87 -0.50 0.30 -33.54
N SER B 88 0.03 -0.53 -34.45
CA SER B 88 1.38 -0.33 -34.96
C SER B 88 1.66 -1.22 -36.16
N MET B 89 2.56 -0.76 -37.01
CA MET B 89 3.09 -1.56 -38.10
C MET B 89 4.28 -2.36 -37.55
N PRO B 90 4.71 -3.40 -38.28
CA PRO B 90 5.79 -4.23 -37.73
C PRO B 90 7.15 -3.55 -37.65
N LEU B 91 7.94 -3.92 -36.64
CA LEU B 91 9.31 -3.43 -36.49
C LEU B 91 10.27 -4.41 -37.15
N LYS B 92 11.01 -3.93 -38.13
CA LYS B 92 11.93 -4.77 -38.88
C LYS B 92 13.13 -5.16 -38.01
N PRO B 93 13.79 -6.29 -38.33
CA PRO B 93 14.98 -6.70 -37.58
C PRO B 93 16.08 -5.64 -37.59
N GLY B 94 16.74 -5.47 -36.46
CA GLY B 94 17.88 -4.56 -36.35
C GLY B 94 17.48 -3.11 -36.12
N GLN B 95 16.19 -2.82 -36.20
CA GLN B 95 15.70 -1.45 -36.05
C GLN B 95 15.50 -1.06 -34.60
N VAL B 96 15.23 0.23 -34.40
CA VAL B 96 15.00 0.82 -33.09
C VAL B 96 13.59 1.42 -33.09
N ARG B 97 13.03 1.62 -31.90
CA ARG B 97 11.65 2.10 -31.77
C ARG B 97 11.37 3.34 -32.64
N ALA B 98 12.35 4.24 -32.71
CA ALA B 98 12.19 5.49 -33.44
C ALA B 98 12.04 5.28 -34.95
N ASP B 99 12.34 4.09 -35.44
CA ASP B 99 12.25 3.80 -36.87
C ASP B 99 10.80 3.59 -37.32
N LEU B 100 9.88 3.58 -36.36
CA LEU B 100 8.46 3.40 -36.66
C LEU B 100 7.73 4.73 -36.83
N ILE B 101 8.46 5.83 -36.71
CA ILE B 101 7.87 7.16 -36.81
C ILE B 101 7.23 7.38 -38.18
N SER B 102 7.97 7.05 -39.24
CA SER B 102 7.48 7.25 -40.60
C SER B 102 6.32 6.31 -40.93
N SER B 103 6.14 5.30 -40.08
CA SER B 103 5.15 4.26 -40.34
C SER B 103 3.86 4.46 -39.55
N ASN B 104 4.01 4.83 -38.28
CA ASN B 104 2.86 4.88 -37.36
C ASN B 104 2.34 6.29 -37.09
N SER B 105 3.04 7.31 -37.57
CA SER B 105 2.67 8.69 -37.29
C SER B 105 1.26 9.03 -37.79
N VAL B 106 0.94 8.57 -38.99
CA VAL B 106 -0.37 8.84 -39.58
C VAL B 106 -1.48 8.13 -38.82
N ILE B 107 -1.17 6.96 -38.28
CA ILE B 107 -2.14 6.18 -37.51
C ILE B 107 -2.61 6.95 -36.28
N PHE B 108 -1.66 7.55 -35.57
CA PHE B 108 -1.99 8.26 -34.34
C PHE B 108 -2.47 9.68 -34.61
N LYS B 109 -2.26 10.16 -35.83
CA LYS B 109 -2.83 11.44 -36.24
C LYS B 109 -4.35 11.31 -36.31
N ASN B 110 -4.80 10.28 -37.03
CA ASN B 110 -6.22 10.03 -37.19
C ASN B 110 -6.86 9.58 -35.87
N THR B 111 -6.10 8.86 -35.07
CA THR B 111 -6.59 8.38 -33.78
C THR B 111 -6.96 9.55 -32.89
N GLY B 112 -6.17 10.62 -32.97
CA GLY B 112 -6.45 11.82 -32.21
C GLY B 112 -7.79 12.42 -32.62
N GLU B 113 -8.04 12.39 -33.93
CA GLU B 113 -9.29 12.91 -34.48
C GLU B 113 -10.47 12.02 -34.10
N TYR B 114 -10.25 10.70 -34.14
CA TYR B 114 -11.29 9.74 -33.77
C TYR B 114 -11.71 9.94 -32.31
N LEU B 115 -10.72 10.03 -31.42
CA LEU B 115 -10.97 10.26 -30.01
C LEU B 115 -11.75 11.56 -29.80
N SER B 116 -11.28 12.63 -30.42
CA SER B 116 -11.87 13.94 -30.24
C SER B 116 -13.34 14.00 -30.68
N LYS B 117 -13.69 13.18 -31.66
CA LYS B 117 -15.01 13.24 -32.27
C LYS B 117 -16.04 12.35 -31.59
N TRP B 118 -15.61 11.21 -31.05
CA TRP B 118 -16.54 10.20 -30.56
C TRP B 118 -16.33 9.80 -29.10
N ALA B 119 -15.09 9.75 -28.64
CA ALA B 119 -14.80 9.32 -27.28
C ALA B 119 -15.32 10.33 -26.25
N LYS B 120 -15.54 9.86 -25.03
CA LYS B 120 -15.94 10.75 -23.94
C LYS B 120 -14.87 11.80 -23.71
N PRO B 121 -15.27 13.02 -23.31
CA PRO B 121 -14.26 14.03 -23.01
C PRO B 121 -13.40 13.66 -21.81
N SER B 122 -13.88 12.71 -21.02
CA SER B 122 -13.16 12.22 -19.85
C SER B 122 -12.33 10.98 -20.18
N VAL B 123 -12.12 10.73 -21.47
CA VAL B 123 -11.39 9.54 -21.89
C VAL B 123 -9.94 9.59 -21.42
N LYS B 124 -9.46 8.45 -20.92
CA LYS B 124 -8.06 8.31 -20.53
C LYS B 124 -7.32 7.44 -21.54
N VAL B 125 -6.43 8.07 -22.29
CA VAL B 125 -5.75 7.42 -23.40
C VAL B 125 -4.33 7.02 -23.01
N LEU B 126 -4.07 5.71 -23.02
CA LEU B 126 -2.75 5.17 -22.74
C LEU B 126 -2.11 4.66 -24.03
N VAL B 127 -1.03 5.32 -24.44
CA VAL B 127 -0.35 4.99 -25.68
C VAL B 127 0.75 3.96 -25.44
N ILE B 128 0.60 2.79 -26.09
CA ILE B 128 1.55 1.70 -25.94
C ILE B 128 2.39 1.55 -27.20
N GLY B 129 1.75 1.63 -28.37
CA GLY B 129 2.46 1.47 -29.63
C GLY B 129 3.63 2.41 -29.80
N ASN B 130 4.77 1.88 -30.24
CA ASN B 130 6.00 2.66 -30.32
C ASN B 130 6.12 3.46 -31.61
N PRO B 131 6.83 4.60 -31.57
CA PRO B 131 7.39 5.24 -30.37
C PRO B 131 6.29 5.92 -29.56
N ASP B 132 5.97 5.38 -28.38
CA ASP B 132 4.74 5.74 -27.68
C ASP B 132 4.76 7.14 -27.11
N ASN B 133 5.92 7.64 -26.69
CA ASN B 133 6.01 9.02 -26.23
C ASN B 133 5.67 9.97 -27.37
N THR B 134 6.26 9.72 -28.53
CA THR B 134 6.01 10.57 -29.70
C THR B 134 4.60 10.35 -30.21
N ASN B 135 4.20 9.10 -30.39
CA ASN B 135 2.86 8.77 -30.85
C ASN B 135 1.79 9.41 -29.98
N CYS B 136 2.07 9.50 -28.68
CA CYS B 136 1.15 10.12 -27.74
C CYS B 136 1.08 11.62 -27.96
N GLU B 137 2.20 12.22 -28.37
CA GLU B 137 2.21 13.64 -28.69
C GLU B 137 1.37 13.89 -29.94
N ILE B 138 1.52 13.03 -30.95
CA ILE B 138 0.79 13.19 -32.20
C ILE B 138 -0.72 13.13 -31.98
N ALA B 139 -1.17 12.12 -31.24
CA ALA B 139 -2.59 11.94 -30.99
C ALA B 139 -3.17 13.11 -30.20
N MET B 140 -2.42 13.57 -29.21
CA MET B 140 -2.86 14.69 -28.38
C MET B 140 -3.08 15.95 -29.19
N LEU B 141 -2.11 16.26 -30.06
CA LEU B 141 -2.17 17.49 -30.85
C LEU B 141 -3.35 17.50 -31.80
N HIS B 142 -3.67 16.35 -32.38
CA HIS B 142 -4.78 16.26 -33.32
C HIS B 142 -6.07 15.81 -32.63
N ALA B 143 -6.09 15.96 -31.30
CA ALA B 143 -7.31 15.74 -30.52
C ALA B 143 -7.91 17.09 -30.14
N LYS B 144 -8.76 17.60 -31.02
CA LYS B 144 -9.26 18.96 -30.92
C LYS B 144 -10.02 19.24 -29.62
N ASN B 145 -10.99 18.38 -29.30
CA ASN B 145 -11.87 18.60 -28.16
C ASN B 145 -11.35 18.00 -26.85
N LEU B 146 -10.22 17.29 -26.91
CA LEU B 146 -9.62 16.70 -25.73
C LEU B 146 -8.46 17.56 -25.22
N LYS B 147 -8.00 17.24 -24.00
CA LYS B 147 -6.95 18.00 -23.34
C LYS B 147 -5.76 17.11 -23.00
N PRO B 148 -4.61 17.70 -22.63
CA PRO B 148 -3.41 16.92 -22.31
C PRO B 148 -3.63 15.88 -21.21
N GLU B 149 -4.58 16.12 -20.32
CA GLU B 149 -4.85 15.21 -19.22
C GLU B 149 -5.51 13.91 -19.68
N ASN B 150 -5.91 13.86 -20.95
CA ASN B 150 -6.52 12.67 -21.51
C ASN B 150 -5.51 11.67 -22.03
N PHE B 151 -4.23 12.08 -22.08
CA PHE B 151 -3.20 11.29 -22.74
C PHE B 151 -2.02 10.96 -21.83
N SER B 152 -1.40 9.81 -22.08
CA SER B 152 -0.18 9.40 -21.41
C SER B 152 0.44 8.22 -22.16
N SER B 153 1.74 8.00 -21.97
CA SER B 153 2.43 6.89 -22.61
C SER B 153 3.04 5.95 -21.57
N LEU B 154 3.32 4.72 -21.99
CA LEU B 154 3.77 3.67 -21.08
C LEU B 154 5.29 3.63 -20.92
N SER B 155 5.75 3.90 -19.70
CA SER B 155 7.16 3.76 -19.36
C SER B 155 7.33 2.82 -18.16
N MET B 156 6.23 2.26 -17.68
CA MET B 156 6.25 1.42 -16.49
C MET B 156 6.95 0.08 -16.71
N LEU B 157 7.05 -0.35 -17.98
CA LEU B 157 7.78 -1.58 -18.27
C LEU B 157 9.25 -1.37 -17.93
N ASP B 158 9.76 -0.16 -18.22
CA ASP B 158 11.13 0.19 -17.90
C ASP B 158 11.34 0.27 -16.39
N GLN B 159 10.36 0.79 -15.67
CA GLN B 159 10.44 0.89 -14.23
C GLN B 159 10.37 -0.49 -13.58
N ASN B 160 9.46 -1.33 -14.07
CA ASN B 160 9.33 -2.68 -13.56
C ASN B 160 10.58 -3.49 -13.84
N ARG B 161 11.17 -3.25 -15.00
CA ARG B 161 12.46 -3.85 -15.35
C ARG B 161 13.52 -3.41 -14.35
N ALA B 162 13.55 -2.11 -14.08
CA ALA B 162 14.52 -1.54 -13.16
C ALA B 162 14.28 -2.02 -11.73
N TYR B 163 13.01 -2.08 -11.34
CA TYR B 163 12.65 -2.49 -9.99
C TYR B 163 13.15 -3.91 -9.68
N TYR B 164 12.87 -4.85 -10.58
CA TYR B 164 13.27 -6.23 -10.35
C TYR B 164 14.79 -6.38 -10.36
N GLU B 165 15.46 -5.65 -11.25
CA GLU B 165 16.92 -5.71 -11.34
C GLU B 165 17.56 -5.31 -10.02
N VAL B 166 17.21 -4.12 -9.53
CA VAL B 166 17.76 -3.60 -8.29
C VAL B 166 17.41 -4.51 -7.11
N ALA B 167 16.15 -4.91 -7.03
CA ALA B 167 15.67 -5.74 -5.92
C ALA B 167 16.45 -7.05 -5.85
N SER B 168 16.65 -7.69 -7.00
CA SER B 168 17.39 -8.94 -7.07
C SER B 168 18.86 -8.71 -6.72
N LYS B 169 19.40 -7.58 -7.14
CA LYS B 169 20.80 -7.24 -6.84
C LYS B 169 21.00 -7.07 -5.34
N LEU B 170 20.04 -6.45 -4.67
CA LEU B 170 20.13 -6.17 -3.25
C LEU B 170 19.68 -7.36 -2.39
N GLY B 171 19.09 -8.36 -3.04
CA GLY B 171 18.64 -9.55 -2.33
C GLY B 171 17.41 -9.27 -1.49
N VAL B 172 16.54 -8.41 -2.00
CA VAL B 172 15.32 -8.02 -1.30
C VAL B 172 14.12 -8.19 -2.23
N ASP B 173 12.92 -8.23 -1.66
CA ASP B 173 11.70 -8.25 -2.45
C ASP B 173 11.52 -6.93 -3.17
N VAL B 174 10.70 -6.93 -4.21
CA VAL B 174 10.51 -5.74 -5.02
C VAL B 174 9.70 -4.68 -4.26
N LYS B 175 8.82 -5.14 -3.38
CA LYS B 175 7.99 -4.23 -2.59
C LYS B 175 8.85 -3.43 -1.61
N ASP B 176 10.02 -3.94 -1.28
CA ASP B 176 10.92 -3.31 -0.32
C ASP B 176 11.75 -2.19 -0.96
N VAL B 177 11.72 -2.11 -2.28
CA VAL B 177 12.43 -1.05 -3.01
C VAL B 177 11.50 0.12 -3.27
N HIS B 178 12.06 1.33 -3.26
CA HIS B 178 11.25 2.55 -3.41
C HIS B 178 11.94 3.61 -4.27
N ASP B 179 11.13 4.36 -5.00
CA ASP B 179 11.60 5.54 -5.73
C ASP B 179 12.67 5.26 -6.77
N ILE B 180 12.54 4.16 -7.49
CA ILE B 180 13.30 3.96 -8.71
C ILE B 180 12.52 4.64 -9.83
N ILE B 181 13.21 5.43 -10.65
CA ILE B 181 12.57 6.23 -11.68
C ILE B 181 13.20 6.01 -13.04
N VAL B 182 12.38 6.09 -14.08
CA VAL B 182 12.84 6.05 -15.46
C VAL B 182 12.34 7.30 -16.16
N TRP B 183 13.25 8.26 -16.39
CA TRP B 183 12.86 9.56 -16.92
C TRP B 183 12.84 9.59 -18.44
N GLY B 184 12.03 10.50 -18.98
CA GLY B 184 12.10 10.86 -20.38
C GLY B 184 11.45 9.90 -21.35
N ASN B 185 12.21 9.51 -22.37
CA ASN B 185 11.68 8.73 -23.48
C ASN B 185 11.69 7.24 -23.20
N HIS B 186 10.66 6.55 -23.68
CA HIS B 186 10.68 5.10 -23.74
C HIS B 186 11.45 4.69 -25.00
N GLY B 187 12.75 4.99 -25.00
CA GLY B 187 13.60 4.72 -26.14
C GLY B 187 15.03 4.47 -25.70
N GLU B 188 15.95 4.51 -26.66
CA GLU B 188 17.36 4.25 -26.38
C GLU B 188 17.91 5.22 -25.33
N SER B 189 17.34 6.43 -25.29
CA SER B 189 17.84 7.49 -24.43
C SER B 189 17.20 7.49 -23.04
N MET B 190 16.49 6.41 -22.71
CA MET B 190 15.78 6.34 -21.43
C MET B 190 16.76 6.44 -20.27
N VAL B 191 16.32 7.10 -19.19
CA VAL B 191 17.19 7.37 -18.05
C VAL B 191 16.75 6.61 -16.81
N ALA B 192 17.28 5.40 -16.64
CA ALA B 192 17.06 4.62 -15.43
C ALA B 192 17.83 5.24 -14.27
N ASP B 193 17.10 5.90 -13.36
CA ASP B 193 17.71 6.70 -12.30
C ASP B 193 17.56 6.02 -10.92
N LEU B 194 18.70 5.79 -10.26
CA LEU B 194 18.71 5.16 -8.94
C LEU B 194 19.19 6.12 -7.85
N THR B 195 19.49 7.36 -8.23
CA THR B 195 20.02 8.33 -7.29
C THR B 195 19.00 8.73 -6.23
N GLN B 196 17.72 8.46 -6.50
CA GLN B 196 16.65 8.77 -5.56
C GLN B 196 16.25 7.53 -4.76
N ALA B 197 16.55 6.36 -5.33
CA ALA B 197 16.00 5.11 -4.83
C ALA B 197 16.46 4.75 -3.42
N THR B 198 15.60 4.00 -2.72
CA THR B 198 15.91 3.47 -1.41
C THR B 198 15.45 2.01 -1.34
N PHE B 199 15.88 1.30 -0.29
CA PHE B 199 15.43 -0.06 -0.08
C PHE B 199 15.38 -0.36 1.42
N THR B 200 14.43 -1.22 1.81
CA THR B 200 14.21 -1.55 3.21
C THR B 200 14.49 -3.01 3.51
N LYS B 201 15.04 -3.27 4.70
CA LYS B 201 15.14 -4.63 5.21
C LYS B 201 15.07 -4.60 6.74
N GLU B 202 13.96 -5.12 7.26
CA GLU B 202 13.67 -5.15 8.70
C GLU B 202 14.07 -3.88 9.45
N GLY B 203 13.31 -2.81 9.23
CA GLY B 203 13.48 -1.58 9.99
C GLY B 203 14.52 -0.63 9.43
N LYS B 204 15.41 -1.15 8.60
CA LYS B 204 16.50 -0.34 8.05
C LYS B 204 16.22 0.07 6.61
N THR B 205 15.90 1.35 6.42
CA THR B 205 15.76 1.92 5.07
C THR B 205 17.06 2.66 4.71
N GLN B 206 17.57 2.38 3.52
CA GLN B 206 18.87 2.89 3.11
C GLN B 206 18.88 3.26 1.62
N LYS B 207 19.74 4.20 1.25
CA LYS B 207 19.89 4.57 -0.15
C LYS B 207 20.50 3.42 -0.93
N VAL B 208 20.10 3.29 -2.19
CA VAL B 208 20.62 2.24 -3.06
C VAL B 208 22.07 2.53 -3.45
N VAL B 209 22.40 3.81 -3.54
CA VAL B 209 23.77 4.24 -3.86
C VAL B 209 24.76 3.73 -2.82
N ASP B 210 24.31 3.65 -1.57
CA ASP B 210 25.19 3.29 -0.45
C ASP B 210 25.79 1.89 -0.58
N VAL B 211 24.97 0.92 -0.99
CA VAL B 211 25.37 -0.48 -0.98
C VAL B 211 25.74 -1.01 -2.36
N LEU B 212 25.57 -0.19 -3.39
CA LEU B 212 25.94 -0.56 -4.75
C LEU B 212 27.04 0.37 -5.27
N ASP B 213 27.91 -0.16 -6.11
CA ASP B 213 29.06 0.59 -6.59
C ASP B 213 28.72 1.48 -7.78
N HIS B 214 29.54 2.51 -7.98
CA HIS B 214 29.34 3.48 -9.05
C HIS B 214 29.32 2.82 -10.43
N ASP B 215 30.09 1.76 -10.57
CA ASP B 215 30.17 1.03 -11.84
C ASP B 215 28.82 0.42 -12.21
N TYR B 216 28.19 -0.26 -11.26
CA TYR B 216 26.90 -0.89 -11.51
C TYR B 216 25.84 0.16 -11.84
N VAL B 217 25.66 1.10 -10.92
CA VAL B 217 24.60 2.10 -11.03
C VAL B 217 24.70 2.93 -12.30
N PHE B 218 25.89 3.44 -12.59
CA PHE B 218 26.08 4.41 -13.67
C PHE B 218 26.70 3.80 -14.93
N ASP B 219 26.46 2.51 -15.17
CA ASP B 219 26.92 1.88 -16.39
C ASP B 219 26.22 0.54 -16.61
N THR B 220 26.61 -0.48 -15.85
CA THR B 220 26.05 -1.82 -16.00
C THR B 220 24.53 -1.80 -15.90
N PHE B 221 24.01 -1.15 -14.86
CA PHE B 221 22.58 -1.06 -14.66
C PHE B 221 21.92 -0.20 -15.71
N PHE B 222 22.52 0.96 -15.97
CA PHE B 222 21.95 1.93 -16.90
C PHE B 222 21.83 1.37 -18.31
N LYS B 223 22.83 0.61 -18.75
CA LYS B 223 22.81 -0.02 -20.06
C LYS B 223 21.78 -1.13 -20.12
N LYS B 224 21.78 -1.99 -19.11
CA LYS B 224 20.93 -3.18 -19.08
C LYS B 224 19.45 -2.84 -19.24
N ILE B 225 18.97 -1.88 -18.47
CA ILE B 225 17.57 -1.47 -18.54
C ILE B 225 17.27 -0.90 -19.92
N GLY B 226 18.18 -0.08 -20.44
CA GLY B 226 18.01 0.55 -21.73
C GLY B 226 17.98 -0.46 -22.88
N HIS B 227 18.78 -1.51 -22.75
CA HIS B 227 18.93 -2.51 -23.81
C HIS B 227 18.01 -3.72 -23.61
N ARG B 228 17.28 -3.74 -22.50
CA ARG B 228 16.45 -4.88 -22.12
C ARG B 228 15.52 -5.34 -23.24
N ALA B 229 14.82 -4.37 -23.85
CA ALA B 229 13.83 -4.67 -24.88
C ALA B 229 14.39 -5.52 -26.01
N TRP B 230 15.62 -5.24 -26.40
CA TRP B 230 16.26 -5.96 -27.49
C TRP B 230 16.87 -7.26 -27.01
N ASP B 231 16.93 -7.44 -25.69
CA ASP B 231 17.38 -8.68 -25.11
C ASP B 231 16.25 -9.69 -25.13
N ILE B 232 15.03 -9.20 -24.87
CA ILE B 232 13.84 -10.02 -25.00
C ILE B 232 13.72 -10.52 -26.43
N LEU B 233 13.88 -9.60 -27.38
CA LEU B 233 13.77 -9.90 -28.80
C LEU B 233 14.72 -11.01 -29.21
N GLU B 234 15.96 -10.95 -28.72
CA GLU B 234 16.97 -11.95 -29.04
C GLU B 234 16.53 -13.35 -28.63
N HIS B 235 15.86 -13.44 -27.48
CA HIS B 235 15.48 -14.74 -26.92
C HIS B 235 14.07 -15.17 -27.33
N ARG B 236 13.18 -14.19 -27.50
CA ARG B 236 11.77 -14.49 -27.76
C ARG B 236 11.47 -14.62 -29.26
N GLY B 237 12.24 -13.93 -30.08
CA GLY B 237 11.99 -13.88 -31.51
C GLY B 237 11.08 -12.72 -31.86
N PHE B 238 10.43 -12.17 -30.83
CA PHE B 238 9.61 -10.98 -30.97
C PHE B 238 9.82 -10.09 -29.75
N THR B 239 9.42 -8.83 -29.85
CA THR B 239 9.52 -7.92 -28.72
C THR B 239 8.53 -8.33 -27.62
N SER B 240 8.66 -7.72 -26.45
CA SER B 240 7.85 -8.10 -25.29
C SER B 240 6.35 -7.94 -25.56
N ALA B 241 5.54 -8.60 -24.74
CA ALA B 241 4.09 -8.60 -24.94
C ALA B 241 3.34 -8.77 -23.61
N ALA B 242 3.69 -9.80 -22.86
CA ALA B 242 3.03 -10.07 -21.59
C ALA B 242 3.45 -9.06 -20.52
N SER B 243 4.73 -8.73 -20.50
CA SER B 243 5.25 -7.81 -19.48
C SER B 243 4.73 -6.38 -19.69
N PRO B 244 4.68 -5.89 -20.93
CA PRO B 244 4.07 -4.56 -21.08
C PRO B 244 2.57 -4.55 -20.84
N THR B 245 1.91 -5.67 -21.13
CA THR B 245 0.48 -5.80 -20.84
C THR B 245 0.24 -5.57 -19.36
N LYS B 246 1.07 -6.20 -18.54
CA LYS B 246 0.99 -6.06 -17.08
C LYS B 246 1.24 -4.61 -16.68
N ALA B 247 2.21 -3.98 -17.32
CA ALA B 247 2.54 -2.59 -17.05
C ALA B 247 1.42 -1.66 -17.52
N ALA B 248 0.82 -2.01 -18.66
CA ALA B 248 -0.24 -1.20 -19.25
C ALA B 248 -1.49 -1.18 -18.36
N ILE B 249 -1.84 -2.34 -17.82
CA ILE B 249 -2.99 -2.45 -16.93
C ILE B 249 -2.67 -1.81 -15.59
N GLN B 250 -1.44 -2.01 -15.12
CA GLN B 250 -0.97 -1.39 -13.89
C GLN B 250 -1.04 0.12 -14.01
N HIS B 251 -0.58 0.63 -15.14
CA HIS B 251 -0.60 2.06 -15.42
C HIS B 251 -2.03 2.60 -15.40
N MET B 252 -2.90 1.99 -16.19
CA MET B 252 -4.27 2.46 -16.33
C MET B 252 -5.03 2.36 -15.01
N LYS B 253 -4.86 1.25 -14.32
CA LYS B 253 -5.52 1.02 -13.03
C LYS B 253 -5.15 2.11 -12.03
N ALA B 254 -3.88 2.50 -12.03
CA ALA B 254 -3.41 3.58 -11.16
C ALA B 254 -4.00 4.90 -11.61
N TRP B 255 -4.02 5.11 -12.92
CA TRP B 255 -4.53 6.34 -13.50
C TRP B 255 -6.03 6.51 -13.24
N LEU B 256 -6.74 5.39 -13.18
CA LEU B 256 -8.19 5.42 -13.02
C LEU B 256 -8.64 5.62 -11.57
N PHE B 257 -7.93 5.02 -10.62
CA PHE B 257 -8.38 4.96 -9.24
C PHE B 257 -7.37 5.53 -8.23
N GLY B 258 -6.19 5.92 -8.70
CA GLY B 258 -5.20 6.55 -7.85
C GLY B 258 -4.13 5.59 -7.35
N THR B 259 -2.96 6.14 -7.01
CA THR B 259 -1.84 5.34 -6.54
C THR B 259 -1.86 5.12 -5.04
N ALA B 260 -1.13 4.11 -4.58
CA ALA B 260 -1.05 3.78 -3.16
C ALA B 260 -0.12 4.76 -2.43
N PRO B 261 -0.16 4.77 -1.09
CA PRO B 261 0.74 5.64 -0.33
C PRO B 261 2.21 5.35 -0.58
N GLY B 262 2.98 6.40 -0.89
CA GLY B 262 4.41 6.26 -1.14
C GLY B 262 4.74 5.69 -2.51
N GLU B 263 3.71 5.34 -3.28
CA GLU B 263 3.92 4.77 -4.60
C GLU B 263 4.32 5.83 -5.62
N VAL B 264 5.31 5.51 -6.44
CA VAL B 264 5.77 6.42 -7.49
C VAL B 264 5.94 5.64 -8.78
N LEU B 265 5.19 6.06 -9.80
CA LEU B 265 5.18 5.38 -11.09
C LEU B 265 5.73 6.26 -12.19
N SER B 266 6.58 5.67 -13.03
CA SER B 266 7.07 6.37 -14.22
C SER B 266 5.95 6.42 -15.24
N MET B 267 5.50 7.63 -15.54
CA MET B 267 4.38 7.83 -16.45
C MET B 267 4.69 8.91 -17.48
N GLY B 268 4.78 8.50 -18.75
CA GLY B 268 4.96 9.44 -19.84
C GLY B 268 3.74 10.35 -19.96
N ILE B 269 3.94 11.64 -19.68
CA ILE B 269 2.86 12.61 -19.71
C ILE B 269 3.30 13.87 -20.45
N PRO B 270 2.33 14.64 -20.97
CA PRO B 270 2.67 15.95 -21.53
C PRO B 270 3.37 16.81 -20.47
N VAL B 271 4.56 17.29 -20.78
CA VAL B 271 5.38 18.05 -19.83
C VAL B 271 4.58 19.20 -19.21
N PRO B 272 4.33 19.14 -17.89
CA PRO B 272 3.64 20.26 -17.22
C PRO B 272 4.44 21.55 -17.31
N GLU B 273 3.74 22.68 -17.48
CA GLU B 273 4.40 23.97 -17.57
C GLU B 273 5.23 24.25 -16.33
N GLY B 274 4.68 23.90 -15.17
CA GLY B 274 5.32 24.15 -13.90
C GLY B 274 5.88 22.91 -13.25
N ASN B 275 6.74 22.19 -13.97
CA ASN B 275 7.47 21.07 -13.40
C ASN B 275 8.80 21.55 -12.85
N PRO B 276 9.19 21.09 -11.64
CA PRO B 276 10.40 21.62 -11.00
C PRO B 276 11.69 21.05 -11.59
N TYR B 277 11.57 20.18 -12.59
CA TYR B 277 12.73 19.50 -13.15
C TYR B 277 13.18 20.10 -14.49
N GLY B 278 12.75 21.33 -14.74
CA GLY B 278 13.24 22.12 -15.85
C GLY B 278 13.07 21.52 -17.23
N ILE B 279 12.04 20.70 -17.39
CA ILE B 279 11.73 20.11 -18.70
C ILE B 279 10.80 21.05 -19.47
N LYS B 280 11.11 21.27 -20.74
CA LYS B 280 10.35 22.20 -21.57
C LYS B 280 9.06 21.56 -22.08
N PRO B 281 7.98 22.36 -22.21
CA PRO B 281 6.74 21.81 -22.76
C PRO B 281 6.84 21.48 -24.25
N GLY B 282 5.95 20.62 -24.74
CA GLY B 282 5.88 20.30 -26.16
C GLY B 282 5.94 18.83 -26.48
N VAL B 283 6.32 18.02 -25.49
CA VAL B 283 6.50 16.59 -25.70
C VAL B 283 5.87 15.79 -24.56
N VAL B 284 5.73 14.48 -24.79
CA VAL B 284 5.32 13.55 -23.74
C VAL B 284 6.58 13.01 -23.08
N PHE B 285 6.66 13.18 -21.77
CA PHE B 285 7.90 12.94 -21.03
C PHE B 285 7.62 12.11 -19.78
N SER B 286 8.40 11.05 -19.58
CA SER B 286 8.23 10.19 -18.41
C SER B 286 8.77 10.88 -17.17
N PHE B 287 7.87 11.17 -16.24
CA PHE B 287 8.23 11.74 -14.95
C PHE B 287 7.95 10.74 -13.84
N PRO B 288 8.51 10.97 -12.65
CA PRO B 288 8.03 10.26 -11.46
C PRO B 288 6.66 10.80 -11.06
N CYS B 289 5.62 9.99 -11.14
CA CYS B 289 4.25 10.45 -10.95
C CYS B 289 3.50 9.70 -9.85
N ASN B 290 2.45 10.35 -9.34
CA ASN B 290 1.44 9.68 -8.54
C ASN B 290 0.07 10.13 -9.02
N VAL B 291 -0.98 9.44 -8.57
CA VAL B 291 -2.34 9.76 -8.98
C VAL B 291 -3.26 9.83 -7.76
N ASP B 292 -4.04 10.91 -7.68
CA ASP B 292 -4.98 11.08 -6.58
C ASP B 292 -6.25 10.27 -6.82
N LYS B 293 -7.17 10.30 -5.87
CA LYS B 293 -8.41 9.54 -5.99
C LYS B 293 -9.35 10.16 -7.01
N GLU B 294 -9.09 11.41 -7.39
CA GLU B 294 -9.85 12.06 -8.45
C GLU B 294 -9.41 11.55 -9.83
N GLY B 295 -8.29 10.82 -9.85
CA GLY B 295 -7.78 10.25 -11.08
C GLY B 295 -6.89 11.19 -11.87
N LYS B 296 -6.39 12.21 -11.19
CA LYS B 296 -5.50 13.19 -11.82
C LYS B 296 -4.04 12.87 -11.51
N ILE B 297 -3.20 12.94 -12.54
CA ILE B 297 -1.78 12.66 -12.39
C ILE B 297 -1.05 13.89 -11.86
N HIS B 298 -0.09 13.67 -10.98
CA HIS B 298 0.77 14.73 -10.48
C HIS B 298 2.23 14.28 -10.52
N VAL B 299 3.10 15.15 -10.99
CA VAL B 299 4.53 14.87 -10.97
C VAL B 299 5.02 14.91 -9.53
N VAL B 300 5.67 13.84 -9.09
CA VAL B 300 6.22 13.79 -7.74
C VAL B 300 7.44 14.70 -7.68
N GLU B 301 7.34 15.72 -6.83
CA GLU B 301 8.39 16.73 -6.72
C GLU B 301 9.25 16.48 -5.48
N GLY B 302 10.45 17.04 -5.48
CA GLY B 302 11.35 16.93 -4.35
C GLY B 302 12.59 16.09 -4.61
N PHE B 303 12.61 15.37 -5.73
CA PHE B 303 13.76 14.53 -6.06
C PHE B 303 14.94 15.39 -6.47
N LYS B 304 16.15 14.88 -6.25
CA LYS B 304 17.37 15.62 -6.52
C LYS B 304 17.80 15.45 -7.98
N VAL B 305 18.56 16.42 -8.48
CA VAL B 305 19.11 16.35 -9.83
C VAL B 305 20.58 16.76 -9.82
N ASN B 306 21.46 15.78 -9.72
CA ASN B 306 22.90 16.04 -9.77
C ASN B 306 23.35 16.31 -11.20
N ASP B 307 24.64 16.54 -11.39
CA ASP B 307 25.19 16.82 -12.71
C ASP B 307 24.94 15.65 -13.66
N TRP B 308 25.08 14.44 -13.14
CA TRP B 308 24.88 13.23 -13.95
C TRP B 308 23.47 13.20 -14.52
N LEU B 309 22.47 13.22 -13.64
CA LEU B 309 21.08 13.12 -14.05
C LEU B 309 20.70 14.29 -14.95
N ARG B 310 21.28 15.45 -14.68
CA ARG B 310 21.00 16.66 -15.46
C ARG B 310 21.30 16.43 -16.95
N GLU B 311 22.48 15.90 -17.24
CA GLU B 311 22.89 15.64 -18.61
C GLU B 311 22.00 14.59 -19.26
N LYS B 312 21.60 13.58 -18.49
CA LYS B 312 20.77 12.50 -19.01
C LYS B 312 19.38 13.01 -19.39
N LEU B 313 18.79 13.83 -18.51
CA LEU B 313 17.49 14.42 -18.78
C LEU B 313 17.56 15.31 -20.01
N ASP B 314 18.65 16.05 -20.13
CA ASP B 314 18.88 16.91 -21.30
C ASP B 314 18.94 16.08 -22.58
N PHE B 315 19.63 14.95 -22.51
CA PHE B 315 19.83 14.11 -23.68
C PHE B 315 18.53 13.46 -24.14
N THR B 316 17.77 12.89 -23.20
CA THR B 316 16.51 12.25 -23.55
C THR B 316 15.48 13.28 -23.97
N GLU B 317 15.57 14.47 -23.39
CA GLU B 317 14.68 15.57 -23.75
C GLU B 317 14.92 16.00 -25.19
N LYS B 318 16.19 16.17 -25.55
CA LYS B 318 16.56 16.55 -26.91
C LYS B 318 16.14 15.45 -27.88
N ASP B 319 16.27 14.21 -27.44
CA ASP B 319 15.87 13.06 -28.25
C ASP B 319 14.39 13.09 -28.54
N LEU B 320 13.59 13.46 -27.53
CA LEU B 320 12.14 13.53 -27.68
C LEU B 320 11.74 14.62 -28.66
N PHE B 321 12.37 15.79 -28.56
CA PHE B 321 12.07 16.89 -29.45
C PHE B 321 12.56 16.60 -30.87
N HIS B 322 13.57 15.73 -30.98
CA HIS B 322 14.08 15.32 -32.28
C HIS B 322 13.08 14.40 -32.98
N GLU B 323 12.52 13.44 -32.24
CA GLU B 323 11.51 12.54 -32.79
C GLU B 323 10.27 13.31 -33.20
N LYS B 324 9.89 14.28 -32.37
CA LYS B 324 8.71 15.11 -32.64
C LYS B 324 8.86 15.82 -33.98
N GLU B 325 10.08 16.28 -34.26
CA GLU B 325 10.35 17.00 -35.49
C GLU B 325 10.19 16.10 -36.71
N ILE B 326 10.73 14.89 -36.62
CA ILE B 326 10.63 13.91 -37.70
C ILE B 326 9.16 13.55 -37.94
N ALA B 327 8.42 13.36 -36.85
CA ALA B 327 7.03 12.95 -36.95
C ALA B 327 6.17 14.01 -37.64
N LEU B 328 6.21 15.24 -37.14
CA LEU B 328 5.41 16.32 -37.69
C LEU B 328 5.76 16.63 -39.14
N ASN B 329 7.03 16.44 -39.49
CA ASN B 329 7.47 16.65 -40.86
C ASN B 329 6.84 15.64 -41.81
N HIS B 330 6.97 14.35 -41.45
CA HIS B 330 6.40 13.27 -42.23
C HIS B 330 4.88 13.40 -42.31
N LEU B 331 4.30 13.94 -41.24
CA LEU B 331 2.86 14.08 -41.15
C LEU B 331 2.36 15.26 -41.99
#